data_4RXE
#
_entry.id   4RXE
#
_cell.length_a   134.149
_cell.length_b   119.149
_cell.length_c   62.824
_cell.angle_alpha   90.000
_cell.angle_beta   112.240
_cell.angle_gamma   90.000
#
_symmetry.space_group_name_H-M   'C 1 2 1'
#
loop_
_entity.id
_entity.type
_entity.pdbx_description
1 polymer 'Farnesyl pyrophosphate synthase'
2 non-polymer '{[(3-methylpyridin-2-yl)amino]methanediyl}bis(phosphonic acid)'
3 non-polymer 'MAGNESIUM ION'
4 water water
#
_entity_poly.entity_id   1
_entity_poly.type   'polypeptide(L)'
_entity_poly.pdbx_seq_one_letter_code
;MGSSHHHHHHSSGLVPRGSHMASMPMQMFMQVYDEIQMFLLEELELKFDMDPNRVRYLRKMMDTTCLGGKYNRGLTVIDV
AESLLSLSPNNNGEEDDGARRKRVLHDACVCGWMIEFLQAHYLVEDDIMDNSVTRRGKPCWYRHPDVTVQCAINDGLLLK
SWTHMMAMHFFADRPFLQDLLCRFNRVDYTTAVGQLYDVTSMFDSNKLDPDVSQPTTTDFAEFTLSNYKRIVKYKTAYYT
YLLPLVMGLIVSEALPTVDMGVTEELAMLMGEYFQVQDDVMDCFTPPERLGKVGTDIQDAKCSWLAVTFLAKASSAQVAE
FKANYGSGDSEKVATVRRLYEEADLQGDYVAYEAAVAEQVKELIEKLRLCSPGFAASVETLWGKTYKRQK
;
_entity_poly.pdbx_strand_id   A,B
#
loop_
_chem_comp.id
_chem_comp.type
_chem_comp.name
_chem_comp.formula
3YQ non-polymer '{[(3-methylpyridin-2-yl)amino]methanediyl}bis(phosphonic acid)' 'C7 H12 N2 O6 P2'
MG non-polymer 'MAGNESIUM ION' 'Mg 2'
#
# COMPACT_ATOMS: atom_id res chain seq x y z
N MET A 24 -27.16 18.31 4.20
CA MET A 24 -26.50 19.31 3.32
C MET A 24 -24.95 19.31 3.43
N PRO A 25 -24.40 19.14 4.63
CA PRO A 25 -22.98 18.82 4.57
C PRO A 25 -22.71 17.62 3.62
N MET A 26 -23.65 16.67 3.58
CA MET A 26 -23.63 15.53 2.66
C MET A 26 -23.69 15.91 1.19
N GLN A 27 -24.36 17.02 0.88
CA GLN A 27 -24.54 17.46 -0.50
C GLN A 27 -23.20 17.96 -1.10
N MET A 28 -22.52 18.86 -0.37
CA MET A 28 -21.22 19.32 -0.85
C MET A 28 -20.23 18.17 -0.85
N PHE A 29 -20.27 17.38 0.21
CA PHE A 29 -19.42 16.20 0.35
C PHE A 29 -19.51 15.32 -0.87
N MET A 30 -20.69 15.19 -1.45
CA MET A 30 -20.81 14.40 -2.68
C MET A 30 -20.37 15.17 -3.94
N GLN A 31 -20.54 16.49 -3.92
CA GLN A 31 -20.08 17.36 -5.05
C GLN A 31 -18.57 17.29 -5.23
N VAL A 32 -17.86 17.35 -4.09
CA VAL A 32 -16.42 17.31 -4.11
C VAL A 32 -15.92 15.92 -4.43
N TYR A 33 -16.64 14.90 -4.03
CA TYR A 33 -16.33 13.56 -4.53
C TYR A 33 -16.22 13.50 -6.04
N ASP A 34 -17.16 14.13 -6.73
CA ASP A 34 -17.21 14.16 -8.23
C ASP A 34 -16.02 14.94 -8.78
N GLU A 35 -15.76 16.09 -8.18
CA GLU A 35 -14.57 16.86 -8.49
C GLU A 35 -13.27 16.02 -8.33
N ILE A 36 -13.15 15.39 -7.17
CA ILE A 36 -12.05 14.51 -6.92
C ILE A 36 -12.04 13.47 -7.99
N GLN A 37 -13.18 12.80 -8.22
CA GLN A 37 -13.18 11.71 -9.22
C GLN A 37 -12.72 12.19 -10.57
N MET A 38 -13.30 13.31 -11.02
CA MET A 38 -13.10 13.87 -12.35
C MET A 38 -11.62 14.22 -12.49
N PHE A 39 -11.05 14.86 -11.49
CA PHE A 39 -9.65 15.13 -11.67
C PHE A 39 -8.83 13.83 -11.82
N LEU A 40 -9.14 12.81 -11.01
CA LEU A 40 -8.30 11.61 -10.96
C LEU A 40 -8.35 10.83 -12.28
N LEU A 41 -9.57 10.61 -12.79
CA LEU A 41 -9.77 9.78 -13.98
C LEU A 41 -9.28 10.47 -15.23
N GLU A 42 -9.52 11.77 -15.27
CA GLU A 42 -8.99 12.58 -16.37
C GLU A 42 -7.43 12.68 -16.33
N GLU A 43 -6.83 12.74 -15.14
CA GLU A 43 -5.38 12.70 -15.10
C GLU A 43 -4.89 11.37 -15.65
N LEU A 44 -5.65 10.31 -15.44
CA LEU A 44 -5.24 9.02 -15.96
C LEU A 44 -5.29 8.93 -17.48
N GLU A 45 -6.33 9.49 -18.08
CA GLU A 45 -6.43 9.41 -19.56
C GLU A 45 -5.42 10.35 -20.24
N LEU A 46 -5.25 11.54 -19.68
CA LEU A 46 -4.37 12.57 -20.22
C LEU A 46 -2.87 12.33 -20.06
N LYS A 47 -2.47 11.89 -18.86
CA LYS A 47 -1.05 11.77 -18.48
C LYS A 47 -0.50 10.33 -18.28
N PHE A 48 -1.38 9.36 -18.18
CA PHE A 48 -0.94 8.00 -17.88
C PHE A 48 -1.41 7.06 -18.96
N ASP A 49 -1.76 7.64 -20.11
CA ASP A 49 -2.13 6.94 -21.33
C ASP A 49 -3.22 5.86 -21.11
N MET A 50 -4.17 6.12 -20.22
CA MET A 50 -5.13 5.10 -19.97
C MET A 50 -6.24 5.21 -20.99
N ASP A 51 -6.93 4.09 -21.15
CA ASP A 51 -7.95 3.87 -22.13
C ASP A 51 -9.28 3.91 -21.44
N PRO A 52 -10.36 4.08 -22.22
CA PRO A 52 -11.65 4.15 -21.61
C PRO A 52 -12.02 2.90 -20.85
N ASN A 53 -11.51 1.73 -21.25
CA ASN A 53 -11.92 0.51 -20.55
C ASN A 53 -11.39 0.44 -19.10
N ARG A 54 -10.10 0.67 -18.91
CA ARG A 54 -9.52 0.67 -17.58
C ARG A 54 -10.01 1.86 -16.76
N VAL A 55 -10.14 3.03 -17.39
CA VAL A 55 -10.72 4.14 -16.66
C VAL A 55 -12.08 3.77 -16.11
N ARG A 56 -12.83 3.02 -16.92
CA ARG A 56 -14.20 2.60 -16.56
C ARG A 56 -14.14 1.55 -15.43
N TYR A 57 -13.15 0.68 -15.50
CA TYR A 57 -12.93 -0.27 -14.40
C TYR A 57 -12.59 0.46 -13.09
N LEU A 58 -11.67 1.43 -13.18
CA LEU A 58 -11.25 2.25 -12.04
C LEU A 58 -12.37 3.15 -11.42
N ARG A 59 -13.32 3.60 -12.26
CA ARG A 59 -14.48 4.39 -11.76
C ARG A 59 -15.43 3.47 -10.98
N LYS A 60 -15.66 2.28 -11.49
CA LYS A 60 -16.47 1.37 -10.72
C LYS A 60 -15.81 1.01 -9.37
N MET A 61 -14.52 0.62 -9.41
CA MET A 61 -13.74 0.23 -8.22
C MET A 61 -13.78 1.35 -7.20
N MET A 62 -13.57 2.58 -7.67
CA MET A 62 -13.50 3.74 -6.79
C MET A 62 -14.84 3.93 -6.11
N ASP A 63 -15.93 3.81 -6.90
CA ASP A 63 -17.32 3.93 -6.42
C ASP A 63 -17.66 2.85 -5.40
N THR A 64 -17.47 1.61 -5.80
CA THR A 64 -17.85 0.45 -5.02
C THR A 64 -17.20 0.41 -3.63
N THR A 65 -15.89 0.70 -3.62
CA THR A 65 -15.08 0.73 -2.41
C THR A 65 -15.14 2.01 -1.56
N CYS A 66 -15.47 3.16 -2.17
CA CYS A 66 -15.46 4.42 -1.43
C CYS A 66 -16.84 4.92 -1.00
N LEU A 67 -17.91 4.43 -1.65
CA LEU A 67 -19.29 4.92 -1.37
C LEU A 67 -20.18 3.89 -0.75
N GLY A 68 -21.25 4.37 -0.13
CA GLY A 68 -22.25 3.47 0.39
C GLY A 68 -22.18 3.31 1.88
N GLY A 69 -21.19 3.93 2.52
CA GLY A 69 -21.06 3.85 3.95
C GLY A 69 -21.78 5.01 4.58
N LYS A 70 -21.46 5.22 5.84
CA LYS A 70 -22.08 6.26 6.67
C LYS A 70 -21.32 7.59 6.49
N TYR A 71 -20.05 7.48 6.11
CA TYR A 71 -19.12 8.59 6.00
C TYR A 71 -18.88 9.27 7.32
N ASN A 72 -18.89 8.52 8.42
CA ASN A 72 -18.57 9.10 9.73
C ASN A 72 -17.25 9.81 9.79
N ARG A 73 -16.19 9.24 9.20
CA ARG A 73 -14.86 9.85 9.21
C ARG A 73 -14.84 11.14 8.41
N GLY A 74 -15.35 11.05 7.20
CA GLY A 74 -15.34 12.17 6.27
C GLY A 74 -16.14 13.38 6.75
N LEU A 75 -17.37 13.13 7.17
CA LEU A 75 -18.27 14.18 7.64
C LEU A 75 -17.85 14.85 8.94
N THR A 76 -17.19 14.11 9.78
CA THR A 76 -16.62 14.70 10.97
C THR A 76 -15.62 15.80 10.67
N VAL A 77 -14.85 15.68 9.57
CA VAL A 77 -13.86 16.73 9.24
C VAL A 77 -14.62 18.04 8.96
N ILE A 78 -15.53 17.99 8.01
CA ILE A 78 -16.39 19.11 7.76
C ILE A 78 -17.00 19.70 9.03
N ASP A 79 -17.56 18.86 9.90
CA ASP A 79 -18.22 19.37 11.09
C ASP A 79 -17.24 20.04 12.00
N VAL A 80 -16.03 19.50 12.18
CA VAL A 80 -15.03 20.17 13.01
C VAL A 80 -14.68 21.53 12.43
N ALA A 81 -14.56 21.64 11.11
CA ALA A 81 -14.14 22.90 10.48
C ALA A 81 -15.26 23.95 10.53
N GLU A 82 -16.51 23.50 10.48
CA GLU A 82 -17.64 24.36 10.68
C GLU A 82 -17.63 24.84 12.12
N SER A 83 -17.39 23.96 13.08
CA SER A 83 -17.40 24.37 14.49
C SER A 83 -16.29 25.34 14.87
N LEU A 84 -15.46 25.74 13.91
CA LEU A 84 -14.24 26.45 14.28
C LEU A 84 -13.94 27.72 13.44
N LEU A 85 -14.80 28.07 12.49
CA LEU A 85 -14.51 29.20 11.61
C LEU A 85 -14.82 30.58 12.25
N SER A 86 -15.09 30.60 13.55
CA SER A 86 -15.10 31.83 14.32
C SER A 86 -13.78 32.03 15.09
N LEU A 87 -13.00 30.96 15.24
CA LEU A 87 -11.83 30.92 16.11
C LEU A 87 -11.17 29.55 16.02
N ASP A 97 -14.15 38.33 4.70
CA ASP A 97 -15.38 38.09 3.98
C ASP A 97 -16.19 36.98 4.70
N GLY A 98 -17.24 36.50 4.04
CA GLY A 98 -17.87 35.23 4.36
C GLY A 98 -17.69 34.27 3.19
N ALA A 99 -16.44 34.07 2.78
CA ALA A 99 -16.08 33.15 1.68
C ALA A 99 -14.78 32.40 1.96
N ARG A 100 -14.15 32.70 3.08
CA ARG A 100 -13.10 31.86 3.64
C ARG A 100 -13.77 30.60 4.14
N ARG A 101 -15.01 30.77 4.58
CA ARG A 101 -15.90 29.67 4.90
C ARG A 101 -15.96 28.68 3.71
N LYS A 102 -16.23 29.21 2.52
CA LYS A 102 -16.27 28.41 1.29
C LYS A 102 -15.00 27.58 1.08
N ARG A 103 -13.86 28.19 1.30
CA ARG A 103 -12.60 27.54 1.06
C ARG A 103 -12.25 26.54 2.17
N VAL A 104 -12.45 26.93 3.42
CA VAL A 104 -12.13 26.05 4.52
C VAL A 104 -13.01 24.77 4.47
N LEU A 105 -14.26 24.90 4.02
CA LEU A 105 -15.16 23.80 4.03
C LEU A 105 -14.94 22.93 2.82
N HIS A 106 -14.49 23.52 1.72
CA HIS A 106 -14.03 22.70 0.58
C HIS A 106 -12.76 21.94 0.92
N ASP A 107 -11.79 22.60 1.54
CA ASP A 107 -10.62 21.89 2.06
C ASP A 107 -11.07 20.73 2.94
N ALA A 108 -12.07 20.98 3.77
CA ALA A 108 -12.51 19.98 4.73
C ALA A 108 -13.14 18.75 4.05
N CYS A 109 -13.86 18.90 2.93
CA CYS A 109 -14.38 17.71 2.22
C CYS A 109 -13.28 16.89 1.49
N VAL A 110 -12.21 17.56 1.06
CA VAL A 110 -11.11 16.87 0.41
C VAL A 110 -10.55 15.97 1.49
N CYS A 111 -10.32 16.57 2.66
CA CYS A 111 -9.70 15.86 3.78
C CYS A 111 -10.52 14.65 4.18
N GLY A 112 -11.79 14.86 4.21
CA GLY A 112 -12.71 13.83 4.51
C GLY A 112 -12.55 12.75 3.51
N TRP A 113 -12.50 13.09 2.22
CA TRP A 113 -12.30 12.02 1.18
C TRP A 113 -10.89 11.35 1.29
N MET A 114 -9.87 12.11 1.71
CA MET A 114 -8.59 11.44 1.96
C MET A 114 -8.77 10.33 3.02
N ILE A 115 -9.41 10.68 4.15
CA ILE A 115 -9.69 9.66 5.13
C ILE A 115 -10.66 8.52 4.63
N GLU A 116 -11.71 8.81 3.89
CA GLU A 116 -12.53 7.70 3.34
C GLU A 116 -11.83 6.86 2.30
N PHE A 117 -11.06 7.50 1.44
CA PHE A 117 -10.25 6.72 0.48
C PHE A 117 -9.22 5.86 1.27
N LEU A 118 -8.74 6.37 2.41
CA LEU A 118 -7.77 5.65 3.20
C LEU A 118 -8.46 4.43 3.79
N GLN A 119 -9.63 4.61 4.34
CA GLN A 119 -10.47 3.52 4.80
C GLN A 119 -10.63 2.44 3.71
N ALA A 120 -10.86 2.92 2.49
CA ALA A 120 -11.38 2.07 1.46
C ALA A 120 -10.23 1.21 1.02
N HIS A 121 -9.08 1.85 0.99
CA HIS A 121 -7.83 1.12 0.71
C HIS A 121 -7.68 -0.12 1.63
N TYR A 122 -7.77 0.16 2.93
CA TYR A 122 -7.68 -0.86 3.95
C TYR A 122 -8.82 -1.83 3.87
N LEU A 123 -10.03 -1.40 3.60
CA LEU A 123 -11.07 -2.44 3.46
C LEU A 123 -10.71 -3.41 2.33
N VAL A 124 -10.16 -2.91 1.22
CA VAL A 124 -9.84 -3.83 0.10
C VAL A 124 -8.85 -4.90 0.57
N GLU A 125 -7.78 -4.46 1.22
CA GLU A 125 -6.75 -5.36 1.74
C GLU A 125 -7.24 -6.19 2.95
N ASP A 126 -7.93 -5.58 3.88
CA ASP A 126 -8.40 -6.30 5.03
C ASP A 126 -9.34 -7.41 4.61
N ASP A 127 -10.23 -7.19 3.61
CA ASP A 127 -11.19 -8.26 3.29
C ASP A 127 -10.45 -9.44 2.63
N ILE A 128 -9.36 -9.20 1.92
CA ILE A 128 -8.59 -10.33 1.38
C ILE A 128 -7.90 -11.05 2.57
N MET A 129 -7.27 -10.27 3.43
CA MET A 129 -6.51 -10.83 4.52
C MET A 129 -7.36 -11.60 5.50
N ASP A 130 -8.55 -11.06 5.75
CA ASP A 130 -9.48 -11.57 6.73
C ASP A 130 -10.40 -12.59 6.00
N ASN A 131 -10.16 -12.79 4.70
CA ASN A 131 -10.90 -13.73 3.85
C ASN A 131 -12.42 -13.58 3.97
N SER A 132 -12.89 -12.33 4.04
CA SER A 132 -14.29 -12.05 4.22
C SER A 132 -15.05 -12.20 2.90
N VAL A 133 -16.39 -12.28 2.99
CA VAL A 133 -17.24 -12.68 1.84
C VAL A 133 -18.05 -11.48 1.26
N THR A 134 -18.71 -10.70 2.10
CA THR A 134 -19.39 -9.48 1.66
C THR A 134 -18.99 -8.29 2.54
N ARG A 135 -19.42 -7.10 2.15
CA ARG A 135 -19.33 -5.90 2.97
C ARG A 135 -20.48 -5.02 2.61
N ARG A 136 -21.17 -4.46 3.59
CA ARG A 136 -22.39 -3.64 3.34
C ARG A 136 -23.29 -4.25 2.31
N GLY A 137 -23.50 -5.56 2.44
CA GLY A 137 -24.36 -6.34 1.56
C GLY A 137 -24.03 -6.42 0.09
N LYS A 138 -22.76 -6.37 -0.28
CA LYS A 138 -22.32 -6.72 -1.64
C LYS A 138 -21.13 -7.66 -1.48
N PRO A 139 -20.78 -8.42 -2.52
CA PRO A 139 -19.51 -9.12 -2.38
C PRO A 139 -18.33 -8.16 -2.23
N CYS A 140 -17.43 -8.50 -1.31
CA CYS A 140 -16.19 -7.77 -1.13
C CYS A 140 -15.57 -7.57 -2.51
N TRP A 141 -14.75 -6.54 -2.60
CA TRP A 141 -14.17 -6.13 -3.88
C TRP A 141 -13.54 -7.34 -4.58
N TYR A 142 -12.65 -8.05 -3.89
CA TYR A 142 -11.94 -9.21 -4.44
C TYR A 142 -12.84 -10.45 -4.70
N ARG A 143 -14.12 -10.37 -4.33
CA ARG A 143 -15.12 -11.43 -4.63
C ARG A 143 -16.01 -11.02 -5.78
N HIS A 144 -15.98 -9.76 -6.17
CA HIS A 144 -16.72 -9.40 -7.36
C HIS A 144 -16.39 -10.32 -8.56
N PRO A 145 -17.43 -10.74 -9.31
CA PRO A 145 -17.31 -11.73 -10.37
C PRO A 145 -16.10 -11.53 -11.24
N ASP A 146 -15.87 -10.33 -11.74
CA ASP A 146 -14.69 -10.16 -12.59
C ASP A 146 -13.58 -9.29 -12.01
N VAL A 147 -13.41 -9.33 -10.69
CA VAL A 147 -12.19 -8.82 -10.06
C VAL A 147 -11.37 -9.98 -9.57
N THR A 148 -10.11 -10.09 -10.02
CA THR A 148 -9.19 -11.09 -9.44
C THR A 148 -8.66 -10.59 -8.09
N VAL A 149 -8.15 -11.52 -7.27
CA VAL A 149 -7.42 -11.16 -6.04
C VAL A 149 -6.15 -10.44 -6.44
N GLN A 150 -5.58 -10.88 -7.53
CA GLN A 150 -4.32 -10.40 -7.96
C GLN A 150 -4.49 -8.91 -8.24
N CYS A 151 -5.56 -8.54 -8.96
CA CYS A 151 -5.77 -7.17 -9.34
C CYS A 151 -6.31 -6.34 -8.16
N ALA A 152 -7.04 -7.02 -7.27
CA ALA A 152 -7.66 -6.36 -6.12
C ALA A 152 -6.58 -5.86 -5.11
N ILE A 153 -5.47 -6.59 -5.00
CA ILE A 153 -4.39 -6.20 -4.08
C ILE A 153 -3.88 -4.84 -4.57
N ASN A 154 -3.64 -4.74 -5.87
CA ASN A 154 -3.17 -3.51 -6.47
C ASN A 154 -4.19 -2.38 -6.54
N ASP A 155 -5.45 -2.74 -6.73
CA ASP A 155 -6.53 -1.81 -6.53
C ASP A 155 -6.42 -1.16 -5.16
N GLY A 156 -6.21 -1.96 -4.12
CA GLY A 156 -6.05 -1.39 -2.81
C GLY A 156 -5.00 -0.28 -2.88
N LEU A 157 -3.89 -0.56 -3.51
CA LEU A 157 -2.73 0.34 -3.54
C LEU A 157 -3.05 1.62 -4.29
N LEU A 158 -3.77 1.50 -5.43
CA LEU A 158 -4.37 2.68 -6.11
C LEU A 158 -5.14 3.64 -5.19
N LEU A 159 -5.99 3.07 -4.36
CA LEU A 159 -6.72 3.83 -3.37
C LEU A 159 -5.81 4.67 -2.55
N LYS A 160 -4.77 4.05 -1.98
CA LYS A 160 -3.91 4.79 -1.08
C LYS A 160 -3.22 5.88 -1.88
N SER A 161 -2.72 5.56 -3.08
CA SER A 161 -2.03 6.57 -3.91
C SER A 161 -2.92 7.77 -4.22
N TRP A 162 -4.19 7.49 -4.37
CA TRP A 162 -5.16 8.59 -4.62
C TRP A 162 -5.28 9.58 -3.48
N THR A 163 -5.08 9.11 -2.24
CA THR A 163 -5.11 10.06 -1.14
C THR A 163 -4.02 11.10 -1.37
N HIS A 164 -2.84 10.66 -1.76
CA HIS A 164 -1.74 11.58 -2.02
C HIS A 164 -1.99 12.43 -3.22
N MET A 165 -2.43 11.83 -4.33
CA MET A 165 -2.72 12.62 -5.52
C MET A 165 -3.77 13.70 -5.24
N MET A 166 -4.97 13.33 -4.76
CA MET A 166 -6.00 14.35 -4.52
C MET A 166 -5.43 15.48 -3.67
N ALA A 167 -4.69 15.15 -2.62
CA ALA A 167 -4.16 16.19 -1.76
C ALA A 167 -3.17 17.14 -2.42
N MET A 168 -2.32 16.67 -3.31
CA MET A 168 -1.33 17.56 -3.90
C MET A 168 -2.04 18.47 -4.88
N HIS A 169 -3.09 17.94 -5.47
CA HIS A 169 -3.96 18.73 -6.34
C HIS A 169 -4.65 19.92 -5.65
N PHE A 170 -5.41 19.68 -4.58
CA PHE A 170 -6.20 20.75 -3.96
C PHE A 170 -5.39 21.57 -2.99
N PHE A 171 -4.41 20.96 -2.34
CA PHE A 171 -3.69 21.65 -1.27
C PHE A 171 -2.23 22.19 -1.57
N ALA A 172 -1.73 22.12 -2.82
CA ALA A 172 -0.27 22.36 -3.09
C ALA A 172 0.26 23.74 -2.63
N ASP A 173 -0.58 24.77 -2.79
CA ASP A 173 -0.31 26.14 -2.32
C ASP A 173 -0.71 26.40 -0.87
N ARG A 174 -1.17 25.37 -0.17
CA ARG A 174 -1.73 25.56 1.13
C ARG A 174 -0.60 25.32 2.13
N PRO A 175 -0.35 26.33 3.00
CA PRO A 175 0.78 26.25 3.94
C PRO A 175 0.74 25.13 4.97
N PHE A 176 -0.45 24.57 5.24
CA PHE A 176 -0.53 23.48 6.20
C PHE A 176 -0.20 22.14 5.54
N LEU A 177 0.07 22.16 4.21
CA LEU A 177 0.33 20.90 3.44
C LEU A 177 1.30 19.89 4.04
N GLN A 178 2.43 20.37 4.57
CA GLN A 178 3.44 19.47 5.11
C GLN A 178 2.95 18.86 6.42
N ASP A 179 2.27 19.64 7.24
CA ASP A 179 1.78 19.15 8.52
C ASP A 179 0.61 18.15 8.34
N LEU A 180 -0.23 18.46 7.39
CA LEU A 180 -1.37 17.68 7.09
C LEU A 180 -0.95 16.30 6.63
N LEU A 181 -0.04 16.26 5.65
CA LEU A 181 0.40 14.99 5.07
C LEU A 181 1.32 14.24 6.00
N CYS A 182 2.00 14.94 6.89
CA CYS A 182 2.89 14.31 7.79
C CYS A 182 2.06 13.46 8.76
N ARG A 183 1.07 14.08 9.41
CA ARG A 183 0.22 13.35 10.37
C ARG A 183 -0.65 12.29 9.67
N PHE A 184 -1.11 12.61 8.47
CA PHE A 184 -1.99 11.68 7.72
C PHE A 184 -1.25 10.34 7.55
N ASN A 185 0.02 10.44 7.18
CA ASN A 185 0.91 9.31 6.98
C ASN A 185 1.27 8.59 8.25
N ARG A 186 1.49 9.36 9.32
CA ARG A 186 1.70 8.73 10.58
C ARG A 186 0.52 7.85 10.96
N VAL A 187 -0.70 8.33 10.72
CA VAL A 187 -1.92 7.54 11.04
C VAL A 187 -2.03 6.33 10.11
N ASP A 188 -1.79 6.55 8.82
CA ASP A 188 -1.71 5.41 7.91
C ASP A 188 -0.80 4.34 8.49
N TYR A 189 0.37 4.78 8.93
CA TYR A 189 1.39 3.84 9.42
C TYR A 189 0.90 3.14 10.69
N THR A 190 0.19 3.86 11.57
CA THR A 190 -0.34 3.26 12.80
C THR A 190 -1.45 2.26 12.51
N THR A 191 -2.33 2.60 11.57
CA THR A 191 -3.31 1.61 11.08
C THR A 191 -2.64 0.30 10.62
N ALA A 192 -1.52 0.39 9.87
CA ALA A 192 -0.88 -0.80 9.32
C ALA A 192 -0.20 -1.59 10.43
N VAL A 193 0.31 -0.88 11.43
CA VAL A 193 0.88 -1.56 12.63
C VAL A 193 -0.19 -2.30 13.42
N GLY A 194 -1.39 -1.75 13.41
CA GLY A 194 -2.45 -2.34 14.20
C GLY A 194 -2.89 -3.59 13.53
N GLN A 195 -2.91 -3.52 12.19
CA GLN A 195 -3.25 -4.70 11.34
C GLN A 195 -2.27 -5.81 11.52
N LEU A 196 -1.04 -5.47 11.80
CA LEU A 196 -0.02 -6.46 12.12
C LEU A 196 -0.38 -7.08 13.46
N TYR A 197 -0.68 -6.25 14.44
CA TYR A 197 -1.10 -6.79 15.73
C TYR A 197 -2.30 -7.73 15.63
N ASP A 198 -3.33 -7.31 14.91
CA ASP A 198 -4.51 -8.14 14.66
C ASP A 198 -4.14 -9.46 14.02
N VAL A 199 -3.26 -9.44 13.04
CA VAL A 199 -3.11 -10.60 12.19
C VAL A 199 -2.12 -11.65 12.76
N THR A 200 -1.39 -11.27 13.79
CA THR A 200 -0.41 -12.13 14.42
C THR A 200 -0.87 -12.41 15.81
N SER A 201 -2.17 -12.28 16.06
CA SER A 201 -2.63 -12.27 17.45
C SER A 201 -3.27 -13.59 17.86
N MET A 202 -3.26 -14.57 16.96
CA MET A 202 -3.75 -15.88 17.29
C MET A 202 -2.60 -16.89 17.32
N PHE A 203 -1.35 -16.39 17.25
CA PHE A 203 -0.14 -17.20 17.37
C PHE A 203 0.60 -16.70 18.58
N ASP A 204 1.24 -17.62 19.31
CA ASP A 204 2.09 -17.28 20.45
C ASP A 204 3.33 -16.52 19.95
N SER A 205 3.49 -15.29 20.43
CA SER A 205 4.43 -14.37 19.79
C SER A 205 5.90 -14.70 20.03
N ASN A 206 6.16 -15.52 21.06
CA ASN A 206 7.50 -16.07 21.35
C ASN A 206 8.03 -16.83 20.17
N LYS A 207 7.09 -17.47 19.46
CA LYS A 207 7.34 -18.35 18.34
C LYS A 207 7.18 -17.70 16.96
N LEU A 208 7.04 -16.38 16.91
CA LEU A 208 6.98 -15.63 15.63
C LEU A 208 8.32 -15.74 14.98
N ASP A 209 8.42 -16.50 13.90
CA ASP A 209 9.68 -16.84 13.30
C ASP A 209 9.32 -17.03 11.83
N PRO A 210 9.75 -16.14 10.94
CA PRO A 210 9.33 -16.26 9.53
C PRO A 210 9.77 -17.55 8.91
N ASP A 211 10.78 -18.20 9.50
CA ASP A 211 11.39 -19.37 8.86
C ASP A 211 10.87 -20.73 9.35
N VAL A 212 9.92 -20.70 10.29
CA VAL A 212 9.36 -21.90 10.87
C VAL A 212 7.85 -21.75 10.96
N SER A 213 7.06 -22.69 10.44
CA SER A 213 5.58 -22.61 10.65
C SER A 213 5.17 -22.73 12.13
N GLN A 214 3.89 -22.50 12.43
CA GLN A 214 3.39 -22.60 13.81
C GLN A 214 1.90 -22.50 13.75
N PRO A 215 1.17 -23.45 14.34
CA PRO A 215 -0.28 -23.44 14.10
C PRO A 215 -0.97 -22.42 15.02
N THR A 216 -2.29 -22.23 14.86
CA THR A 216 -3.04 -21.39 15.80
C THR A 216 -2.73 -21.81 17.26
N THR A 217 -2.64 -20.80 18.12
CA THR A 217 -2.29 -20.96 19.54
C THR A 217 -3.41 -21.75 20.22
N THR A 218 -3.00 -22.76 20.99
CA THR A 218 -3.91 -23.70 21.66
C THR A 218 -4.21 -23.30 23.12
N ASP A 219 -3.48 -22.32 23.64
CA ASP A 219 -3.59 -21.87 25.04
C ASP A 219 -4.22 -20.45 25.21
N PHE A 220 -4.17 -19.64 24.15
CA PHE A 220 -4.72 -18.28 24.12
C PHE A 220 -4.26 -17.48 25.34
N ALA A 221 -3.02 -17.74 25.78
CA ALA A 221 -2.43 -17.01 26.90
C ALA A 221 -2.27 -15.53 26.54
N GLU A 222 -2.43 -15.19 25.25
CA GLU A 222 -2.35 -13.82 24.75
C GLU A 222 -3.64 -13.19 24.15
N PHE A 223 -4.78 -13.87 24.28
CA PHE A 223 -6.07 -13.21 24.14
C PHE A 223 -6.33 -12.53 25.51
N THR A 224 -5.63 -11.44 25.80
CA THR A 224 -5.82 -10.70 27.07
C THR A 224 -6.46 -9.34 26.76
N LEU A 225 -6.94 -8.64 27.78
CA LEU A 225 -7.60 -7.35 27.50
C LEU A 225 -6.54 -6.35 27.10
N SER A 226 -5.42 -6.46 27.76
CA SER A 226 -4.21 -5.78 27.44
C SER A 226 -3.87 -5.85 25.95
N ASN A 227 -3.73 -7.05 25.44
CA ASN A 227 -3.34 -7.18 24.08
C ASN A 227 -4.45 -6.74 23.16
N TYR A 228 -5.70 -6.92 23.59
CA TYR A 228 -6.86 -6.46 22.82
C TYR A 228 -6.87 -4.95 22.72
N LYS A 229 -6.53 -4.27 23.80
CA LYS A 229 -6.55 -2.82 23.78
C LYS A 229 -5.53 -2.31 22.80
N ARG A 230 -4.39 -2.98 22.68
CA ARG A 230 -3.35 -2.48 21.79
C ARG A 230 -3.75 -2.66 20.31
N ILE A 231 -4.35 -3.81 19.96
CA ILE A 231 -4.76 -4.08 18.57
C ILE A 231 -5.63 -2.95 18.05
N VAL A 232 -6.63 -2.67 18.86
CA VAL A 232 -7.74 -1.83 18.58
C VAL A 232 -7.34 -0.34 18.51
N LYS A 233 -6.52 0.06 19.47
CA LYS A 233 -5.98 1.43 19.54
C LYS A 233 -5.32 1.81 18.20
N TYR A 234 -4.42 0.95 17.74
CA TYR A 234 -3.62 1.20 16.51
C TYR A 234 -4.35 0.98 15.21
N LYS A 235 -5.19 -0.04 15.16
CA LYS A 235 -5.83 -0.41 13.90
C LYS A 235 -7.08 0.35 13.58
N THR A 236 -7.73 0.92 14.59
CA THR A 236 -8.99 1.60 14.41
C THR A 236 -8.95 3.05 14.92
N ALA A 237 -8.46 3.21 16.14
CA ALA A 237 -8.75 4.39 16.90
C ALA A 237 -8.17 5.62 16.23
N TYR A 238 -6.96 5.46 15.72
CA TYR A 238 -6.20 6.58 15.18
C TYR A 238 -6.76 7.09 13.91
N TYR A 239 -7.06 6.23 12.95
CA TYR A 239 -7.62 6.77 11.69
C TYR A 239 -9.09 7.06 11.76
N THR A 240 -9.77 6.31 12.63
CA THR A 240 -11.21 6.43 12.68
C THR A 240 -11.65 7.65 13.52
N TYR A 241 -10.94 7.91 14.62
CA TYR A 241 -11.33 8.98 15.55
C TYR A 241 -10.42 10.21 15.61
N LEU A 242 -9.11 10.00 15.72
CA LEU A 242 -8.15 11.11 15.86
C LEU A 242 -8.02 11.85 14.56
N LEU A 243 -7.89 11.09 13.46
CA LEU A 243 -7.51 11.72 12.17
C LEU A 243 -8.59 12.67 11.66
N PRO A 244 -9.88 12.29 11.79
CA PRO A 244 -10.91 13.23 11.40
C PRO A 244 -10.87 14.49 12.24
N LEU A 245 -10.61 14.39 13.52
CA LEU A 245 -10.58 15.60 14.35
C LEU A 245 -9.34 16.43 13.94
N VAL A 246 -8.20 15.77 13.78
CA VAL A 246 -6.93 16.44 13.54
C VAL A 246 -6.96 17.24 12.21
N MET A 247 -7.58 16.68 11.15
CA MET A 247 -7.62 17.33 9.84
C MET A 247 -8.58 18.47 9.81
N GLY A 248 -9.74 18.31 10.44
CA GLY A 248 -10.66 19.42 10.66
C GLY A 248 -9.91 20.56 11.35
N LEU A 249 -9.22 20.26 12.42
CA LEU A 249 -8.43 21.28 13.05
C LEU A 249 -7.40 21.95 12.13
N ILE A 250 -6.71 21.21 11.29
CA ILE A 250 -5.66 21.79 10.44
C ILE A 250 -6.20 22.74 9.37
N VAL A 251 -7.36 22.44 8.82
CA VAL A 251 -7.93 23.35 7.79
C VAL A 251 -8.70 24.53 8.39
N SER A 252 -8.93 24.44 9.70
CA SER A 252 -9.49 25.53 10.52
C SER A 252 -8.38 26.47 10.96
N GLU A 253 -7.15 25.97 10.91
CA GLU A 253 -5.97 26.70 11.31
C GLU A 253 -6.09 26.95 12.81
N ALA A 254 -6.50 25.90 13.53
CA ALA A 254 -6.72 26.00 14.97
C ALA A 254 -6.14 24.89 15.80
N LEU A 255 -5.23 24.11 15.26
CA LEU A 255 -4.77 22.95 16.01
C LEU A 255 -4.09 23.37 17.31
N PRO A 256 -3.15 24.30 17.23
CA PRO A 256 -2.52 24.58 18.51
C PRO A 256 -3.48 25.13 19.56
N THR A 257 -4.71 25.48 19.18
CA THR A 257 -5.69 25.95 20.18
C THR A 257 -6.30 24.88 21.09
N VAL A 258 -6.06 23.58 20.85
CA VAL A 258 -6.73 22.52 21.64
C VAL A 258 -5.75 21.77 22.50
N ASP A 259 -6.25 21.17 23.57
CA ASP A 259 -5.43 20.31 24.39
C ASP A 259 -5.32 18.95 23.67
N MET A 260 -4.17 18.68 23.07
CA MET A 260 -4.00 17.50 22.24
C MET A 260 -3.95 16.24 23.10
N GLY A 261 -3.25 16.30 24.24
CA GLY A 261 -3.22 15.16 25.16
C GLY A 261 -4.63 14.69 25.55
N VAL A 262 -5.54 15.66 25.71
CA VAL A 262 -6.92 15.36 25.99
C VAL A 262 -7.67 14.87 24.73
N THR A 263 -7.61 15.64 23.64
CA THR A 263 -8.15 15.20 22.36
C THR A 263 -7.75 13.76 22.04
N GLU A 264 -6.49 13.43 22.27
CA GLU A 264 -5.98 12.08 22.03
C GLU A 264 -6.61 11.06 23.02
N GLU A 265 -6.53 11.30 24.31
CA GLU A 265 -7.26 10.46 25.27
C GLU A 265 -8.68 10.13 24.71
N LEU A 266 -9.49 11.15 24.40
CA LEU A 266 -10.85 10.99 23.79
C LEU A 266 -10.90 10.10 22.55
N ALA A 267 -10.07 10.39 21.54
CA ALA A 267 -10.08 9.60 20.31
C ALA A 267 -9.81 8.13 20.61
N MET A 268 -8.95 7.88 21.60
CA MET A 268 -8.49 6.51 21.93
C MET A 268 -9.57 5.74 22.60
N LEU A 269 -10.20 6.37 23.55
CA LEU A 269 -11.35 5.80 24.25
C LEU A 269 -12.60 5.70 23.35
N MET A 270 -12.88 6.75 22.61
CA MET A 270 -13.93 6.62 21.64
C MET A 270 -13.66 5.54 20.60
N GLY A 271 -12.41 5.42 20.17
CA GLY A 271 -12.09 4.42 19.16
C GLY A 271 -12.16 3.01 19.69
N GLU A 272 -11.77 2.82 20.94
CA GLU A 272 -11.74 1.49 21.50
C GLU A 272 -13.16 0.99 21.56
N TYR A 273 -14.01 1.84 22.11
CA TYR A 273 -15.42 1.56 22.24
C TYR A 273 -16.03 1.19 20.88
N PHE A 274 -15.80 1.98 19.84
CA PHE A 274 -16.31 1.65 18.49
C PHE A 274 -15.94 0.25 18.06
N GLN A 275 -14.70 -0.16 18.28
CA GLN A 275 -14.24 -1.48 17.83
C GLN A 275 -14.81 -2.56 18.68
N VAL A 276 -14.96 -2.28 19.98
CA VAL A 276 -15.68 -3.18 20.86
C VAL A 276 -17.05 -3.39 20.25
N GLN A 277 -17.73 -2.30 19.93
CA GLN A 277 -19.02 -2.39 19.21
C GLN A 277 -18.91 -3.15 17.89
N ASP A 278 -17.88 -2.89 17.10
CA ASP A 278 -17.70 -3.70 15.87
C ASP A 278 -17.61 -5.21 16.17
N ASP A 279 -16.77 -5.60 17.12
CA ASP A 279 -16.69 -6.99 17.59
C ASP A 279 -18.05 -7.61 18.06
N VAL A 280 -18.80 -6.88 18.85
CA VAL A 280 -20.05 -7.43 19.37
C VAL A 280 -21.05 -7.68 18.25
N MET A 281 -21.27 -6.67 17.42
CA MET A 281 -22.09 -6.80 16.19
C MET A 281 -21.66 -7.97 15.28
N ASP A 282 -20.36 -8.19 15.17
CA ASP A 282 -19.86 -9.23 14.33
C ASP A 282 -20.50 -10.54 14.76
N CYS A 283 -20.59 -10.77 16.08
CA CYS A 283 -21.19 -11.98 16.64
C CYS A 283 -22.73 -11.91 16.71
N PHE A 284 -23.30 -10.78 17.12
CA PHE A 284 -24.74 -10.79 17.47
C PHE A 284 -25.68 -10.04 16.52
N THR A 285 -25.16 -9.11 15.72
CA THR A 285 -25.98 -8.48 14.69
C THR A 285 -26.28 -9.49 13.56
N PRO A 286 -27.60 -9.65 13.22
CA PRO A 286 -28.05 -10.57 12.16
C PRO A 286 -27.46 -10.14 10.83
N PRO A 287 -26.87 -11.07 10.07
CA PRO A 287 -26.18 -10.63 8.87
C PRO A 287 -26.71 -9.39 8.12
N GLU A 288 -28.03 -9.20 8.04
CA GLU A 288 -28.63 -8.19 7.15
C GLU A 288 -28.67 -6.72 7.61
N ARG A 289 -28.80 -6.46 8.91
CA ARG A 289 -28.50 -5.12 9.45
C ARG A 289 -26.98 -4.87 9.48
N LEU A 290 -26.18 -5.94 9.61
CA LEU A 290 -24.72 -5.84 9.61
C LEU A 290 -24.13 -5.64 8.20
N GLY A 291 -24.71 -6.29 7.19
CA GLY A 291 -24.22 -6.21 5.80
C GLY A 291 -23.21 -7.31 5.45
N LYS A 292 -23.13 -8.33 6.30
CA LYS A 292 -22.25 -9.49 6.10
C LYS A 292 -22.51 -10.58 7.18
N VAL A 293 -22.14 -11.82 6.90
CA VAL A 293 -22.10 -12.83 7.96
C VAL A 293 -20.70 -12.65 8.57
N GLY A 294 -20.60 -12.63 9.91
CA GLY A 294 -19.36 -12.27 10.61
C GLY A 294 -18.23 -13.27 10.47
N THR A 295 -16.99 -12.79 10.59
CA THR A 295 -15.79 -13.62 10.37
C THR A 295 -14.87 -13.83 11.62
N ASP A 296 -15.16 -13.15 12.75
CA ASP A 296 -14.19 -13.08 13.89
C ASP A 296 -13.95 -14.43 14.65
N ILE A 297 -15.01 -15.20 14.82
CA ILE A 297 -14.91 -16.56 15.36
C ILE A 297 -14.01 -17.53 14.53
N GLN A 298 -14.42 -17.72 13.29
CA GLN A 298 -13.78 -18.64 12.35
C GLN A 298 -12.33 -18.27 12.08
N ASP A 299 -12.02 -16.97 12.14
CA ASP A 299 -10.64 -16.45 11.95
C ASP A 299 -9.88 -16.58 13.27
N ALA A 300 -10.58 -17.04 14.31
CA ALA A 300 -10.03 -17.18 15.63
C ALA A 300 -9.52 -15.83 15.96
N LYS A 301 -10.38 -14.83 15.83
CA LYS A 301 -9.92 -13.47 16.15
C LYS A 301 -9.88 -13.19 17.65
N CYS A 302 -8.88 -12.40 18.03
CA CYS A 302 -8.82 -11.79 19.33
C CYS A 302 -9.87 -10.67 19.46
N SER A 303 -11.16 -11.00 19.31
CA SER A 303 -12.24 -10.06 19.60
C SER A 303 -12.38 -9.72 21.09
N TRP A 304 -13.14 -8.67 21.37
CA TRP A 304 -13.45 -8.27 22.74
C TRP A 304 -14.22 -9.33 23.56
N LEU A 305 -15.09 -10.08 22.88
CA LEU A 305 -15.85 -11.13 23.51
C LEU A 305 -14.97 -12.30 23.89
N ALA A 306 -14.06 -12.67 22.99
CA ALA A 306 -13.16 -13.80 23.17
C ALA A 306 -12.32 -13.51 24.36
N VAL A 307 -11.76 -12.30 24.45
CA VAL A 307 -10.86 -12.00 25.56
C VAL A 307 -11.63 -11.76 26.87
N THR A 308 -12.82 -11.16 26.81
CA THR A 308 -13.61 -10.95 28.00
C THR A 308 -14.19 -12.29 28.51
N PHE A 309 -14.52 -13.21 27.60
CA PHE A 309 -14.95 -14.56 27.93
C PHE A 309 -13.80 -15.28 28.57
N LEU A 310 -12.68 -15.33 27.88
CA LEU A 310 -11.57 -16.09 28.40
C LEU A 310 -11.21 -15.61 29.81
N ALA A 311 -11.37 -14.32 30.12
CA ALA A 311 -10.85 -13.82 31.40
C ALA A 311 -11.73 -14.21 32.58
N LYS A 312 -13.02 -14.44 32.35
CA LYS A 312 -13.93 -14.76 33.43
C LYS A 312 -14.36 -16.25 33.50
N ALA A 313 -14.07 -17.01 32.45
CA ALA A 313 -14.54 -18.37 32.26
C ALA A 313 -13.97 -19.44 33.23
N SER A 314 -14.79 -20.40 33.58
CA SER A 314 -14.25 -21.57 34.25
C SER A 314 -13.36 -22.39 33.29
N SER A 315 -12.73 -23.44 33.79
CA SER A 315 -11.84 -24.29 33.02
C SER A 315 -12.62 -25.16 32.05
N ALA A 316 -13.77 -25.68 32.49
CA ALA A 316 -14.72 -26.38 31.59
C ALA A 316 -15.12 -25.44 30.45
N GLN A 317 -15.53 -24.25 30.79
CA GLN A 317 -15.93 -23.34 29.72
C GLN A 317 -14.75 -23.08 28.79
N VAL A 318 -13.58 -22.84 29.33
CA VAL A 318 -12.42 -22.61 28.51
C VAL A 318 -12.10 -23.78 27.56
N ALA A 319 -12.29 -25.02 27.99
CA ALA A 319 -12.01 -26.19 27.15
C ALA A 319 -13.01 -26.30 25.98
N GLU A 320 -14.28 -26.09 26.27
CA GLU A 320 -15.32 -26.12 25.26
C GLU A 320 -15.02 -25.06 24.16
N PHE A 321 -14.97 -23.79 24.52
CA PHE A 321 -14.41 -22.74 23.66
C PHE A 321 -13.21 -23.23 22.81
N LYS A 322 -12.21 -23.85 23.45
CA LYS A 322 -10.96 -24.27 22.81
C LYS A 322 -11.16 -25.33 21.75
N ALA A 323 -12.20 -26.12 21.95
CA ALA A 323 -12.55 -27.18 21.01
C ALA A 323 -13.39 -26.65 19.86
N ASN A 324 -13.74 -25.36 19.88
CA ASN A 324 -14.71 -24.77 18.91
C ASN A 324 -14.31 -23.45 18.21
N TYR A 325 -13.19 -22.86 18.60
CA TYR A 325 -12.82 -21.54 18.07
C TYR A 325 -11.93 -21.69 16.85
N GLY A 326 -12.19 -20.86 15.83
CA GLY A 326 -11.41 -20.92 14.60
C GLY A 326 -11.87 -22.08 13.76
N SER A 327 -13.19 -22.28 13.71
CA SER A 327 -13.82 -23.36 12.97
C SER A 327 -15.09 -22.90 12.20
N GLY A 328 -15.24 -23.42 10.96
CA GLY A 328 -16.38 -23.11 10.08
C GLY A 328 -17.62 -23.98 10.25
N ASP A 329 -17.50 -25.06 11.01
CA ASP A 329 -18.63 -25.94 11.31
C ASP A 329 -19.71 -25.18 12.13
N SER A 330 -20.87 -24.93 11.54
CA SER A 330 -21.86 -23.95 12.06
C SER A 330 -22.50 -24.18 13.44
N GLU A 331 -22.40 -25.38 13.97
CA GLU A 331 -23.00 -25.69 15.28
C GLU A 331 -21.98 -25.58 16.44
N LYS A 332 -20.69 -25.75 16.12
CA LYS A 332 -19.58 -25.32 16.98
C LYS A 332 -19.57 -23.78 17.12
N VAL A 333 -19.81 -23.11 16.00
CA VAL A 333 -19.93 -21.65 15.95
C VAL A 333 -21.14 -21.14 16.77
N ALA A 334 -22.24 -21.88 16.83
CA ALA A 334 -23.36 -21.51 17.72
C ALA A 334 -23.18 -22.09 19.13
N THR A 335 -22.25 -23.02 19.30
CA THR A 335 -21.81 -23.45 20.63
C THR A 335 -21.09 -22.23 21.25
N VAL A 336 -19.93 -21.87 20.69
CA VAL A 336 -19.17 -20.67 21.02
C VAL A 336 -20.05 -19.47 21.35
N ARG A 337 -21.04 -19.24 20.50
CA ARG A 337 -21.97 -18.13 20.63
C ARG A 337 -22.85 -18.33 21.87
N ARG A 338 -23.23 -19.57 22.12
CA ARG A 338 -24.02 -19.86 23.30
C ARG A 338 -23.15 -19.87 24.58
N LEU A 339 -21.88 -20.26 24.47
CA LEU A 339 -20.91 -20.02 25.57
C LEU A 339 -20.94 -18.53 25.99
N TYR A 340 -20.64 -17.61 25.05
CA TYR A 340 -20.72 -16.14 25.27
C TYR A 340 -22.04 -15.68 25.87
N GLU A 341 -23.14 -16.10 25.23
CA GLU A 341 -24.51 -15.84 25.68
C GLU A 341 -24.68 -16.24 27.15
N GLU A 342 -24.26 -17.46 27.47
CA GLU A 342 -24.41 -18.02 28.82
C GLU A 342 -23.29 -17.65 29.82
N ALA A 343 -22.37 -16.77 29.40
CA ALA A 343 -21.44 -16.08 30.33
C ALA A 343 -21.76 -14.60 30.56
N ASP A 344 -22.88 -14.09 30.04
CA ASP A 344 -23.40 -12.76 30.37
C ASP A 344 -22.52 -11.63 29.82
N LEU A 345 -22.15 -11.76 28.56
CA LEU A 345 -21.20 -10.82 27.99
C LEU A 345 -21.91 -9.50 27.73
N GLN A 346 -23.24 -9.52 27.65
CA GLN A 346 -23.97 -8.29 27.39
C GLN A 346 -24.06 -7.36 28.63
N GLY A 347 -23.98 -7.93 29.82
CA GLY A 347 -23.94 -7.12 31.04
C GLY A 347 -22.55 -6.52 31.19
N ASP A 348 -21.54 -7.32 30.88
CA ASP A 348 -20.15 -6.84 30.83
C ASP A 348 -20.01 -5.69 29.83
N TYR A 349 -20.76 -5.80 28.73
CA TYR A 349 -20.72 -4.85 27.63
C TYR A 349 -21.46 -3.58 28.03
N VAL A 350 -22.65 -3.77 28.58
CA VAL A 350 -23.42 -2.65 29.13
C VAL A 350 -22.63 -1.88 30.20
N ALA A 351 -21.81 -2.56 30.99
CA ALA A 351 -21.07 -1.90 32.07
C ALA A 351 -19.85 -1.15 31.48
N TYR A 352 -19.29 -1.71 30.41
CA TYR A 352 -18.16 -1.07 29.72
C TYR A 352 -18.64 0.19 29.04
N GLU A 353 -19.76 0.05 28.33
CA GLU A 353 -20.38 1.16 27.66
C GLU A 353 -20.68 2.27 28.64
N ALA A 354 -21.08 1.92 29.87
CA ALA A 354 -21.42 2.96 30.85
C ALA A 354 -20.17 3.61 31.37
N ALA A 355 -19.14 2.81 31.64
CA ALA A 355 -17.86 3.36 32.13
C ALA A 355 -17.12 4.17 31.04
N VAL A 356 -17.27 3.78 29.78
CA VAL A 356 -16.75 4.54 28.64
C VAL A 356 -17.54 5.85 28.50
N ALA A 357 -18.86 5.79 28.59
CA ALA A 357 -19.70 6.99 28.47
C ALA A 357 -19.35 7.95 29.52
N GLU A 358 -19.17 7.44 30.73
CA GLU A 358 -18.89 8.32 31.85
C GLU A 358 -17.56 9.10 31.56
N GLN A 359 -16.47 8.37 31.23
CA GLN A 359 -15.13 9.00 31.01
C GLN A 359 -15.14 9.90 29.80
N VAL A 360 -15.94 9.55 28.80
CA VAL A 360 -16.14 10.46 27.64
C VAL A 360 -16.68 11.79 28.09
N LYS A 361 -17.76 11.76 28.87
CA LYS A 361 -18.38 12.99 29.42
C LYS A 361 -17.32 13.91 30.10
N GLU A 362 -16.46 13.31 30.95
CA GLU A 362 -15.49 14.07 31.73
C GLU A 362 -14.55 14.75 30.79
N LEU A 363 -13.87 13.96 29.97
CA LEU A 363 -12.92 14.52 29.02
C LEU A 363 -13.50 15.60 28.12
N ILE A 364 -14.75 15.45 27.67
CA ILE A 364 -15.36 16.54 26.86
C ILE A 364 -15.48 17.85 27.65
N GLU A 365 -15.72 17.78 28.96
CA GLU A 365 -15.74 19.02 29.76
C GLU A 365 -14.36 19.70 29.89
N LYS A 366 -13.33 18.96 30.28
CA LYS A 366 -11.92 19.49 30.35
C LYS A 366 -11.52 20.21 29.08
N LEU A 367 -12.06 19.75 27.97
CA LEU A 367 -11.80 20.33 26.67
C LEU A 367 -12.76 21.47 26.32
N ARG A 368 -14.00 21.37 26.76
CA ARG A 368 -14.97 22.46 26.55
C ARG A 368 -14.46 23.76 27.19
N LEU A 369 -13.79 23.62 28.34
CA LEU A 369 -13.25 24.76 29.09
C LEU A 369 -12.55 25.77 28.14
N CYS A 370 -11.43 25.37 27.54
CA CYS A 370 -10.64 26.28 26.68
C CYS A 370 -10.99 26.19 25.17
N SER A 371 -11.61 25.08 24.75
CA SER A 371 -11.94 24.90 23.35
C SER A 371 -13.42 24.61 23.27
N PRO A 372 -14.25 25.63 23.60
CA PRO A 372 -15.70 25.38 23.63
C PRO A 372 -16.26 24.82 22.32
N GLY A 373 -15.87 25.42 21.19
CA GLY A 373 -16.37 25.01 19.85
C GLY A 373 -15.97 23.59 19.43
N PHE A 374 -14.76 23.21 19.79
CA PHE A 374 -14.23 21.92 19.40
C PHE A 374 -14.90 20.81 20.19
N ALA A 375 -15.22 21.08 21.45
CA ALA A 375 -15.82 20.06 22.31
C ALA A 375 -17.14 19.64 21.73
N ALA A 376 -17.88 20.63 21.31
CA ALA A 376 -19.17 20.36 20.77
C ALA A 376 -19.02 19.37 19.62
N SER A 377 -18.07 19.59 18.71
CA SER A 377 -17.95 18.77 17.50
C SER A 377 -17.51 17.36 17.83
N VAL A 378 -16.78 17.21 18.94
CA VAL A 378 -16.37 15.89 19.50
C VAL A 378 -17.56 15.15 20.12
N GLU A 379 -18.42 15.92 20.80
CA GLU A 379 -19.73 15.46 21.31
C GLU A 379 -20.72 14.99 20.21
N THR A 380 -20.84 15.74 19.14
CA THR A 380 -21.54 15.23 17.98
C THR A 380 -20.95 13.91 17.43
N LEU A 381 -19.62 13.76 17.52
CA LEU A 381 -18.92 12.55 17.02
C LEU A 381 -19.23 11.37 17.94
N TRP A 382 -19.18 11.66 19.23
CA TRP A 382 -19.59 10.67 20.23
C TRP A 382 -21.06 10.29 20.01
N GLY A 383 -21.96 11.26 19.87
CA GLY A 383 -23.36 10.99 19.50
C GLY A 383 -23.56 10.12 18.27
N LYS A 384 -22.64 10.14 17.31
CA LYS A 384 -22.77 9.29 16.15
C LYS A 384 -22.28 7.88 16.48
N THR A 385 -21.75 7.73 17.68
CA THR A 385 -20.96 6.54 18.03
C THR A 385 -21.68 5.72 19.14
N TYR A 386 -21.94 6.37 20.28
CA TYR A 386 -22.70 5.82 21.43
C TYR A 386 -23.98 5.03 21.10
N LYS A 387 -23.96 3.73 21.44
CA LYS A 387 -25.04 2.80 21.15
C LYS A 387 -25.52 2.86 19.71
N ARG A 388 -24.61 3.04 18.74
CA ARG A 388 -25.00 3.11 17.31
C ARG A 388 -25.76 1.85 16.83
N GLN A 389 -26.74 2.05 15.97
CA GLN A 389 -27.65 0.96 15.59
C GLN A 389 -27.16 0.43 14.25
N LYS A 390 -27.26 1.30 13.25
CA LYS A 390 -26.51 1.19 11.99
C LYS A 390 -25.02 0.82 12.24
N MET B 24 32.93 1.30 -1.71
CA MET B 24 32.88 2.57 -0.91
C MET B 24 31.48 3.22 -0.91
N PRO B 25 30.85 3.40 -2.10
CA PRO B 25 29.41 3.71 -2.05
C PRO B 25 28.64 2.64 -1.24
N MET B 26 29.04 1.38 -1.39
CA MET B 26 28.42 0.27 -0.71
C MET B 26 28.61 0.32 0.80
N GLN B 27 29.80 0.70 1.23
CA GLN B 27 30.08 0.81 2.65
C GLN B 27 29.10 1.84 3.33
N MET B 28 28.98 3.05 2.79
CA MET B 28 28.11 4.03 3.45
C MET B 28 26.62 3.61 3.34
N PHE B 29 26.21 3.19 2.15
CA PHE B 29 24.82 2.83 1.90
C PHE B 29 24.40 1.92 3.01
N MET B 30 25.21 0.90 3.25
CA MET B 30 24.97 -0.06 4.28
C MET B 30 24.97 0.47 5.72
N GLN B 31 25.68 1.55 6.01
CA GLN B 31 25.66 2.10 7.40
C GLN B 31 24.34 2.77 7.63
N VAL B 32 23.84 3.41 6.57
CA VAL B 32 22.66 4.21 6.70
C VAL B 32 21.50 3.28 6.80
N TYR B 33 21.62 2.09 6.19
CA TYR B 33 20.62 1.03 6.37
C TYR B 33 20.42 0.75 7.82
N ASP B 34 21.53 0.50 8.53
CA ASP B 34 21.51 0.25 10.01
C ASP B 34 20.86 1.42 10.76
N GLU B 35 21.19 2.61 10.30
CA GLU B 35 20.63 3.84 10.87
C GLU B 35 19.10 3.92 10.73
N ILE B 36 18.64 3.61 9.55
CA ILE B 36 17.24 3.67 9.28
C ILE B 36 16.54 2.61 10.08
N GLN B 37 17.07 1.38 10.05
CA GLN B 37 16.45 0.25 10.76
C GLN B 37 16.26 0.59 12.21
N MET B 38 17.29 1.18 12.80
CA MET B 38 17.37 1.46 14.23
C MET B 38 16.32 2.49 14.60
N PHE B 39 16.26 3.56 13.85
CA PHE B 39 15.26 4.55 14.13
C PHE B 39 13.88 3.94 14.00
N LEU B 40 13.67 3.13 12.97
CA LEU B 40 12.35 2.63 12.74
C LEU B 40 11.94 1.71 13.91
N LEU B 41 12.81 0.76 14.27
CA LEU B 41 12.46 -0.39 15.13
C LEU B 41 12.32 0.03 16.55
N GLU B 42 13.14 1.01 16.88
CA GLU B 42 13.03 1.69 18.13
C GLU B 42 11.73 2.52 18.18
N GLU B 43 11.34 3.20 17.12
CA GLU B 43 10.20 4.07 17.25
C GLU B 43 8.99 3.21 17.54
N LEU B 44 9.00 2.00 16.99
CA LEU B 44 7.99 1.01 17.27
C LEU B 44 7.97 0.63 18.76
N GLU B 45 9.15 0.29 19.28
CA GLU B 45 9.33 0.00 20.72
C GLU B 45 8.81 1.16 21.60
N LEU B 46 9.36 2.36 21.42
CA LEU B 46 9.00 3.54 22.22
C LEU B 46 7.54 4.03 22.09
N LYS B 47 7.05 4.26 20.86
CA LYS B 47 5.76 4.91 20.60
C LYS B 47 4.59 4.02 20.08
N PHE B 48 4.86 2.78 19.73
CA PHE B 48 3.79 1.94 19.16
C PHE B 48 3.70 0.71 19.94
N ASP B 49 4.22 0.76 21.15
CA ASP B 49 4.04 -0.26 22.14
C ASP B 49 4.40 -1.65 21.65
N MET B 50 5.38 -1.75 20.75
CA MET B 50 5.64 -3.04 20.19
C MET B 50 6.50 -3.81 21.16
N ASP B 51 6.28 -5.12 21.13
CA ASP B 51 7.02 -6.10 21.91
C ASP B 51 8.28 -6.57 21.15
N PRO B 52 9.24 -7.18 21.87
CA PRO B 52 10.47 -7.73 21.28
C PRO B 52 10.25 -8.71 20.14
N ASN B 53 9.28 -9.59 20.32
CA ASN B 53 8.98 -10.57 19.29
C ASN B 53 8.59 -9.96 17.90
N ARG B 54 7.62 -9.05 17.87
CA ARG B 54 7.19 -8.45 16.63
C ARG B 54 8.28 -7.58 16.04
N VAL B 55 9.09 -6.96 16.88
CA VAL B 55 10.20 -6.14 16.40
C VAL B 55 11.14 -7.08 15.69
N ARG B 56 11.32 -8.26 16.27
CA ARG B 56 12.16 -9.33 15.67
C ARG B 56 11.55 -9.76 14.35
N TYR B 57 10.26 -10.04 14.33
CA TYR B 57 9.54 -10.40 13.10
C TYR B 57 9.84 -9.39 11.97
N LEU B 58 9.71 -8.13 12.36
CA LEU B 58 9.82 -7.00 11.43
C LEU B 58 11.26 -6.70 10.92
N ARG B 59 12.26 -6.92 11.77
CA ARG B 59 13.68 -6.74 11.37
C ARG B 59 14.07 -7.82 10.35
N LYS B 60 13.61 -9.03 10.55
CA LYS B 60 13.82 -10.06 9.59
C LYS B 60 13.04 -9.77 8.29
N MET B 61 11.75 -9.37 8.41
CA MET B 61 10.97 -8.99 7.23
C MET B 61 11.72 -7.91 6.47
N MET B 62 12.11 -6.84 7.16
CA MET B 62 12.84 -5.76 6.49
C MET B 62 14.13 -6.18 5.79
N ASP B 63 14.96 -7.00 6.47
CA ASP B 63 16.25 -7.45 5.89
C ASP B 63 16.03 -8.32 4.63
N THR B 64 15.17 -9.34 4.76
CA THR B 64 14.92 -10.36 3.72
C THR B 64 14.34 -9.75 2.44
N THR B 65 13.45 -8.81 2.65
CA THR B 65 12.67 -8.08 1.64
C THR B 65 13.45 -6.87 0.95
N CYS B 66 14.28 -6.19 1.73
CA CYS B 66 15.06 -5.05 1.28
C CYS B 66 16.52 -5.35 0.92
N LEU B 67 17.12 -6.39 1.53
CA LEU B 67 18.55 -6.72 1.26
C LEU B 67 18.68 -7.89 0.39
N GLY B 68 19.85 -7.96 -0.25
CA GLY B 68 20.26 -9.13 -1.03
C GLY B 68 20.38 -8.87 -2.52
N GLY B 69 19.82 -7.76 -2.99
CA GLY B 69 19.82 -7.40 -4.40
C GLY B 69 21.11 -6.72 -4.73
N LYS B 70 21.20 -6.20 -5.94
CA LYS B 70 22.38 -5.39 -6.42
C LYS B 70 22.33 -3.88 -6.02
N TYR B 71 21.14 -3.41 -5.63
CA TYR B 71 20.94 -2.05 -5.18
C TYR B 71 21.20 -1.07 -6.29
N ASN B 72 20.87 -1.44 -7.55
CA ASN B 72 21.09 -0.49 -8.67
C ASN B 72 20.36 0.82 -8.51
N ARG B 73 19.14 0.78 -7.94
CA ARG B 73 18.36 2.01 -7.84
C ARG B 73 18.93 2.90 -6.77
N GLY B 74 19.12 2.30 -5.61
CA GLY B 74 19.61 3.02 -4.46
C GLY B 74 20.97 3.59 -4.73
N LEU B 75 21.86 2.80 -5.37
CA LEU B 75 23.26 3.26 -5.55
C LEU B 75 23.37 4.38 -6.58
N THR B 76 22.48 4.36 -7.56
CA THR B 76 22.39 5.39 -8.53
C THR B 76 22.15 6.78 -7.91
N VAL B 77 21.35 6.86 -6.83
CA VAL B 77 21.12 8.16 -6.16
C VAL B 77 22.46 8.69 -5.62
N ILE B 78 23.18 7.84 -4.92
CA ILE B 78 24.41 8.25 -4.32
C ILE B 78 25.31 8.73 -5.44
N ASP B 79 25.45 7.91 -6.48
CA ASP B 79 26.33 8.24 -7.63
C ASP B 79 25.94 9.52 -8.35
N VAL B 80 24.64 9.74 -8.58
CA VAL B 80 24.20 11.00 -9.18
C VAL B 80 24.48 12.15 -8.22
N ALA B 81 24.44 11.91 -6.91
CA ALA B 81 24.57 13.04 -6.00
C ALA B 81 26.01 13.51 -6.00
N GLU B 82 26.92 12.57 -5.76
CA GLU B 82 28.37 12.77 -5.92
C GLU B 82 28.73 13.51 -7.24
N SER B 83 28.31 12.99 -8.40
CA SER B 83 28.63 13.63 -9.68
C SER B 83 28.32 15.11 -9.66
N LEU B 84 27.15 15.43 -9.14
CA LEU B 84 26.58 16.77 -9.22
C LEU B 84 27.06 17.75 -8.13
N LEU B 85 27.84 17.29 -7.16
CA LEU B 85 28.39 18.14 -6.10
C LEU B 85 29.16 19.37 -6.60
N SER B 86 29.90 19.20 -7.71
CA SER B 86 30.82 20.24 -8.24
C SER B 86 30.26 21.67 -8.48
N LEU B 87 28.93 21.85 -8.51
CA LEU B 87 28.35 23.12 -8.94
C LEU B 87 28.22 24.21 -7.84
N ASP B 96 35.72 24.45 2.07
CA ASP B 96 34.82 23.46 2.67
C ASP B 96 35.56 22.41 3.52
N ASP B 97 35.05 22.22 4.74
CA ASP B 97 35.38 21.03 5.57
C ASP B 97 34.89 19.71 4.91
N GLY B 98 33.95 19.84 3.95
CA GLY B 98 33.24 18.72 3.35
C GLY B 98 31.95 18.46 4.11
N ALA B 99 31.37 19.52 4.65
CA ALA B 99 30.18 19.38 5.44
C ALA B 99 28.95 19.22 4.52
N ARG B 100 28.87 20.01 3.42
CA ARG B 100 27.89 19.77 2.33
C ARG B 100 27.99 18.36 1.83
N ARG B 101 29.19 18.03 1.37
CA ARG B 101 29.47 16.71 0.86
C ARG B 101 28.89 15.63 1.81
N LYS B 102 29.20 15.70 3.09
CA LYS B 102 28.75 14.71 4.07
C LYS B 102 27.22 14.69 4.13
N ARG B 103 26.59 15.85 4.06
CA ARG B 103 25.14 15.94 4.19
C ARG B 103 24.44 15.49 2.92
N VAL B 104 24.93 15.96 1.78
CA VAL B 104 24.34 15.54 0.52
C VAL B 104 24.43 14.00 0.34
N LEU B 105 25.55 13.38 0.74
CA LEU B 105 25.74 11.98 0.42
C LEU B 105 24.94 11.15 1.37
N HIS B 106 24.70 11.67 2.55
CA HIS B 106 23.90 10.94 3.52
C HIS B 106 22.43 11.02 3.15
N ASP B 107 21.95 12.20 2.79
CA ASP B 107 20.61 12.34 2.22
C ASP B 107 20.46 11.43 1.02
N ALA B 108 21.52 11.32 0.21
CA ALA B 108 21.43 10.50 -1.01
C ALA B 108 21.22 9.03 -0.67
N CYS B 109 21.93 8.51 0.33
CA CYS B 109 21.66 7.16 0.83
C CYS B 109 20.27 7.05 1.43
N VAL B 110 19.75 8.08 2.08
CA VAL B 110 18.43 7.89 2.64
C VAL B 110 17.53 7.66 1.44
N CYS B 111 17.73 8.48 0.42
CA CYS B 111 16.82 8.47 -0.74
C CYS B 111 16.90 7.14 -1.45
N GLY B 112 18.10 6.63 -1.55
CA GLY B 112 18.32 5.37 -2.16
C GLY B 112 17.52 4.37 -1.38
N TRP B 113 17.50 4.48 -0.05
CA TRP B 113 16.77 3.43 0.70
C TRP B 113 15.27 3.55 0.50
N MET B 114 14.81 4.79 0.33
CA MET B 114 13.43 5.04 -0.04
C MET B 114 13.07 4.28 -1.32
N ILE B 115 13.89 4.43 -2.36
CA ILE B 115 13.60 3.66 -3.57
C ILE B 115 13.73 2.13 -3.41
N GLU B 116 14.77 1.67 -2.75
CA GLU B 116 14.87 0.24 -2.40
C GLU B 116 13.68 -0.28 -1.51
N PHE B 117 13.30 0.43 -0.47
CA PHE B 117 12.10 0.02 0.30
C PHE B 117 10.78 0.08 -0.57
N LEU B 118 10.74 0.95 -1.58
CA LEU B 118 9.59 0.97 -2.47
C LEU B 118 9.58 -0.26 -3.34
N GLN B 119 10.75 -0.65 -3.81
CA GLN B 119 10.88 -1.87 -4.59
C GLN B 119 10.42 -3.04 -3.75
N ALA B 120 10.80 -3.05 -2.46
CA ALA B 120 10.53 -4.19 -1.64
C ALA B 120 9.04 -4.33 -1.39
N HIS B 121 8.42 -3.22 -1.01
CA HIS B 121 6.96 -3.18 -0.97
C HIS B 121 6.38 -3.79 -2.23
N TYR B 122 6.79 -3.32 -3.41
CA TYR B 122 6.19 -3.87 -4.63
C TYR B 122 6.51 -5.35 -4.80
N LEU B 123 7.72 -5.76 -4.44
CA LEU B 123 8.12 -7.14 -4.64
C LEU B 123 7.21 -8.02 -3.81
N VAL B 124 7.03 -7.62 -2.56
CA VAL B 124 6.12 -8.42 -1.69
C VAL B 124 4.74 -8.58 -2.34
N GLU B 125 4.21 -7.50 -2.88
CA GLU B 125 2.84 -7.56 -3.37
C GLU B 125 2.82 -8.26 -4.74
N ASP B 126 3.78 -7.99 -5.56
CA ASP B 126 3.84 -8.58 -6.87
C ASP B 126 4.04 -10.09 -6.81
N ASP B 127 4.77 -10.63 -5.84
CA ASP B 127 5.04 -12.08 -5.84
C ASP B 127 3.73 -12.77 -5.41
N ILE B 128 3.06 -12.22 -4.40
CA ILE B 128 1.73 -12.70 -4.04
C ILE B 128 0.82 -12.69 -5.29
N MET B 129 0.77 -11.56 -5.99
CA MET B 129 -0.09 -11.39 -7.11
C MET B 129 0.24 -12.30 -8.30
N ASP B 130 1.54 -12.49 -8.58
CA ASP B 130 2.03 -13.35 -9.67
C ASP B 130 2.20 -14.80 -9.20
N ASN B 131 1.85 -15.08 -7.93
CA ASN B 131 1.94 -16.43 -7.38
C ASN B 131 3.30 -17.04 -7.70
N SER B 132 4.35 -16.23 -7.51
CA SER B 132 5.73 -16.66 -7.67
C SER B 132 6.15 -17.52 -6.49
N VAL B 133 7.13 -18.36 -6.71
CA VAL B 133 7.56 -19.29 -5.67
C VAL B 133 8.85 -18.80 -4.96
N THR B 134 9.82 -18.30 -5.71
CA THR B 134 11.08 -17.83 -5.14
C THR B 134 11.49 -16.50 -5.72
N ARG B 135 12.56 -15.94 -5.14
CA ARG B 135 13.11 -14.65 -5.52
C ARG B 135 14.55 -14.60 -4.96
N ARG B 136 15.53 -14.30 -5.81
CA ARG B 136 16.94 -14.43 -5.44
C ARG B 136 17.24 -15.67 -4.62
N GLY B 137 16.87 -16.83 -5.13
CA GLY B 137 17.11 -18.10 -4.43
C GLY B 137 16.41 -18.30 -3.08
N LYS B 138 15.62 -17.35 -2.62
CA LYS B 138 14.86 -17.58 -1.38
C LYS B 138 13.39 -17.72 -1.72
N PRO B 139 12.64 -18.43 -0.88
CA PRO B 139 11.18 -18.39 -1.10
C PRO B 139 10.69 -16.95 -1.07
N CYS B 140 9.70 -16.62 -1.91
CA CYS B 140 9.07 -15.32 -1.79
C CYS B 140 8.63 -15.14 -0.34
N TRP B 141 8.56 -13.89 0.11
CA TRP B 141 8.14 -13.59 1.50
C TRP B 141 6.83 -14.27 1.96
N TYR B 142 5.75 -14.12 1.20
CA TYR B 142 4.49 -14.81 1.49
C TYR B 142 4.60 -16.34 1.40
N ARG B 143 5.69 -16.87 0.86
CA ARG B 143 5.89 -18.34 0.84
C ARG B 143 6.80 -18.77 1.96
N HIS B 144 7.28 -17.86 2.79
CA HIS B 144 8.07 -18.29 3.95
C HIS B 144 7.19 -19.12 4.91
N PRO B 145 7.79 -20.16 5.52
CA PRO B 145 7.02 -21.09 6.33
C PRO B 145 6.24 -20.41 7.43
N ASP B 146 6.87 -19.43 8.08
CA ASP B 146 6.14 -18.70 9.11
C ASP B 146 5.48 -17.37 8.72
N VAL B 147 5.22 -17.11 7.45
CA VAL B 147 4.59 -15.85 7.04
C VAL B 147 3.30 -16.24 6.41
N THR B 148 2.19 -15.66 6.89
CA THR B 148 0.90 -16.00 6.30
C THR B 148 0.72 -15.10 5.11
N VAL B 149 -0.12 -15.55 4.18
CA VAL B 149 -0.49 -14.74 3.02
C VAL B 149 -1.11 -13.45 3.52
N GLN B 150 -1.91 -13.53 4.57
CA GLN B 150 -2.56 -12.33 5.07
C GLN B 150 -1.55 -11.43 5.73
N CYS B 151 -0.55 -11.96 6.47
CA CYS B 151 0.39 -11.06 7.13
C CYS B 151 1.24 -10.43 6.07
N ALA B 152 1.56 -11.17 5.01
CA ALA B 152 2.44 -10.64 3.94
C ALA B 152 1.87 -9.40 3.22
N ILE B 153 0.55 -9.38 2.98
CA ILE B 153 -0.05 -8.27 2.29
C ILE B 153 0.29 -7.02 3.11
N ASN B 154 0.09 -7.11 4.42
CA ASN B 154 0.24 -6.04 5.32
C ASN B 154 1.70 -5.68 5.63
N ASP B 155 2.55 -6.69 5.56
CA ASP B 155 4.00 -6.45 5.52
C ASP B 155 4.39 -5.56 4.34
N GLY B 156 3.95 -5.88 3.12
CA GLY B 156 4.20 -4.98 2.02
C GLY B 156 3.73 -3.58 2.41
N LEU B 157 2.56 -3.45 3.03
CA LEU B 157 2.07 -2.12 3.29
C LEU B 157 3.03 -1.33 4.25
N LEU B 158 3.51 -2.04 5.30
CA LEU B 158 4.57 -1.57 6.22
C LEU B 158 5.80 -0.98 5.51
N LEU B 159 6.35 -1.75 4.57
CA LEU B 159 7.42 -1.27 3.66
C LEU B 159 7.13 0.05 3.04
N LYS B 160 5.97 0.22 2.44
CA LYS B 160 5.74 1.49 1.81
C LYS B 160 5.74 2.59 2.87
N SER B 161 5.13 2.32 4.03
CA SER B 161 5.01 3.39 5.05
C SER B 161 6.36 3.80 5.61
N TRP B 162 7.29 2.87 5.60
CA TRP B 162 8.63 3.13 6.14
C TRP B 162 9.30 4.14 5.28
N THR B 163 8.96 4.14 3.99
CA THR B 163 9.52 5.18 3.10
C THR B 163 9.10 6.55 3.62
N HIS B 164 7.83 6.70 3.98
CA HIS B 164 7.39 7.97 4.49
C HIS B 164 8.02 8.28 5.82
N MET B 165 8.13 7.26 6.67
CA MET B 165 8.66 7.49 7.99
C MET B 165 10.12 7.95 7.90
N MET B 166 10.94 7.22 7.16
CA MET B 166 12.35 7.61 7.11
C MET B 166 12.52 8.98 6.49
N ALA B 167 11.73 9.25 5.47
CA ALA B 167 11.86 10.53 4.81
C ALA B 167 11.54 11.66 5.78
N MET B 168 10.56 11.48 6.67
CA MET B 168 10.15 12.60 7.52
C MET B 168 11.19 12.78 8.63
N HIS B 169 11.82 11.68 8.99
CA HIS B 169 12.85 11.74 10.04
C HIS B 169 14.10 12.47 9.56
N PHE B 170 14.58 12.17 8.36
CA PHE B 170 15.83 12.76 7.91
C PHE B 170 15.64 14.11 7.25
N PHE B 171 14.53 14.31 6.57
CA PHE B 171 14.36 15.49 5.73
C PHE B 171 13.39 16.56 6.25
N ALA B 172 12.92 16.46 7.50
CA ALA B 172 11.86 17.40 7.99
C ALA B 172 12.24 18.87 7.77
N ASP B 173 13.51 19.17 7.95
CA ASP B 173 13.97 20.55 7.84
C ASP B 173 14.69 20.81 6.49
N ARG B 174 14.42 19.97 5.48
CA ARG B 174 14.95 20.23 4.18
C ARG B 174 13.96 21.04 3.35
N PRO B 175 14.48 22.08 2.65
CA PRO B 175 13.63 22.90 1.76
C PRO B 175 13.04 22.08 0.63
N PHE B 176 13.75 21.05 0.19
CA PHE B 176 13.25 20.23 -0.92
C PHE B 176 12.26 19.15 -0.46
N LEU B 177 11.96 19.07 0.83
CA LEU B 177 11.04 18.04 1.32
C LEU B 177 9.82 17.86 0.41
N GLN B 178 9.02 18.90 0.32
CA GLN B 178 7.73 18.82 -0.35
C GLN B 178 7.93 18.35 -1.77
N ASP B 179 8.95 18.83 -2.47
CA ASP B 179 9.18 18.45 -3.87
C ASP B 179 9.72 16.98 -3.98
N LEU B 180 10.59 16.58 -3.06
CA LEU B 180 11.04 15.23 -3.09
C LEU B 180 9.88 14.21 -2.93
N LEU B 181 9.00 14.48 -1.97
CA LEU B 181 7.88 13.60 -1.66
C LEU B 181 6.80 13.68 -2.73
N CYS B 182 6.57 14.86 -3.30
CA CYS B 182 5.58 15.00 -4.36
C CYS B 182 6.00 14.04 -5.51
N ARG B 183 7.24 14.09 -5.94
CA ARG B 183 7.68 13.24 -7.06
C ARG B 183 7.75 11.80 -6.69
N PHE B 184 8.23 11.50 -5.50
CA PHE B 184 8.35 10.10 -5.09
C PHE B 184 6.94 9.48 -5.07
N ASN B 185 5.93 10.25 -4.66
CA ASN B 185 4.55 9.76 -4.62
C ASN B 185 3.91 9.63 -6.02
N ARG B 186 4.23 10.55 -6.94
CA ARG B 186 3.81 10.37 -8.31
C ARG B 186 4.44 9.12 -8.84
N VAL B 187 5.72 8.94 -8.68
CA VAL B 187 6.34 7.70 -9.22
C VAL B 187 5.72 6.45 -8.60
N ASP B 188 5.42 6.53 -7.30
CA ASP B 188 4.86 5.37 -6.65
C ASP B 188 3.52 5.00 -7.32
N TYR B 189 2.71 6.02 -7.58
CA TYR B 189 1.40 5.89 -8.26
C TYR B 189 1.56 5.36 -9.66
N THR B 190 2.60 5.83 -10.40
CA THR B 190 2.76 5.39 -11.80
C THR B 190 3.01 3.88 -11.86
N THR B 191 3.79 3.41 -10.87
CA THR B 191 4.17 2.01 -10.79
C THR B 191 2.92 1.17 -10.53
N ALA B 192 1.97 1.69 -9.76
CA ALA B 192 0.77 0.95 -9.43
C ALA B 192 -0.15 0.95 -10.62
N VAL B 193 -0.22 2.07 -11.32
CA VAL B 193 -0.90 2.07 -12.63
C VAL B 193 -0.34 1.02 -13.62
N GLY B 194 0.98 0.86 -13.58
CA GLY B 194 1.67 -0.07 -14.45
C GLY B 194 1.28 -1.47 -14.08
N GLN B 195 1.22 -1.73 -12.78
CA GLN B 195 0.83 -3.05 -12.27
C GLN B 195 -0.59 -3.38 -12.72
N LEU B 196 -1.46 -2.39 -12.75
CA LEU B 196 -2.83 -2.60 -13.26
C LEU B 196 -2.80 -2.99 -14.73
N TYR B 197 -1.97 -2.31 -15.52
CA TYR B 197 -1.81 -2.69 -16.93
C TYR B 197 -1.42 -4.14 -17.14
N ASP B 198 -0.35 -4.51 -16.50
CA ASP B 198 0.22 -5.83 -16.50
C ASP B 198 -0.78 -6.85 -16.13
N VAL B 199 -1.61 -6.56 -15.14
CA VAL B 199 -2.37 -7.61 -14.48
C VAL B 199 -3.74 -7.72 -15.13
N THR B 200 -3.99 -6.84 -16.11
CA THR B 200 -5.21 -6.88 -16.89
C THR B 200 -4.93 -6.96 -18.37
N SER B 201 -3.74 -7.42 -18.79
CA SER B 201 -3.36 -7.41 -20.22
C SER B 201 -3.54 -8.79 -20.89
N MET B 202 -4.30 -9.63 -20.21
CA MET B 202 -4.56 -10.97 -20.64
C MET B 202 -6.06 -11.16 -20.86
N PHE B 203 -6.87 -10.17 -20.47
CA PHE B 203 -8.30 -10.15 -20.76
C PHE B 203 -8.59 -8.94 -21.66
N ASP B 204 -9.25 -9.22 -22.78
CA ASP B 204 -9.89 -8.25 -23.68
C ASP B 204 -10.49 -7.07 -22.90
N SER B 205 -9.87 -5.90 -23.03
CA SER B 205 -10.24 -4.78 -22.17
C SER B 205 -11.66 -4.29 -22.36
N ASN B 206 -12.26 -4.55 -23.53
CA ASN B 206 -13.62 -4.08 -23.82
C ASN B 206 -14.54 -4.88 -22.92
N LYS B 207 -14.14 -6.12 -22.62
CA LYS B 207 -14.87 -6.96 -21.66
C LYS B 207 -14.42 -6.83 -20.19
N LEU B 208 -13.62 -5.81 -19.89
CA LEU B 208 -13.20 -5.50 -18.51
C LEU B 208 -14.35 -4.96 -17.68
N ASP B 209 -14.73 -5.64 -16.60
CA ASP B 209 -15.96 -5.33 -15.87
C ASP B 209 -15.98 -6.08 -14.51
N PRO B 210 -15.97 -5.34 -13.39
CA PRO B 210 -15.98 -5.94 -12.03
C PRO B 210 -17.10 -6.94 -11.76
N ASP B 211 -18.29 -6.67 -12.34
CA ASP B 211 -19.55 -7.36 -12.00
C ASP B 211 -19.86 -8.58 -12.91
N VAL B 212 -18.89 -8.92 -13.76
CA VAL B 212 -19.03 -10.02 -14.71
C VAL B 212 -17.73 -10.81 -14.85
N SER B 213 -17.78 -12.08 -14.46
CA SER B 213 -16.69 -13.07 -14.66
C SER B 213 -16.12 -13.06 -16.09
N GLN B 214 -14.85 -13.45 -16.25
CA GLN B 214 -14.21 -13.38 -17.58
C GLN B 214 -12.92 -14.19 -17.70
N PRO B 215 -12.64 -14.83 -18.86
CA PRO B 215 -11.47 -15.68 -18.93
C PRO B 215 -10.35 -15.04 -19.75
N THR B 216 -9.21 -15.75 -19.83
CA THR B 216 -8.06 -15.38 -20.67
C THR B 216 -8.42 -15.19 -22.14
N THR B 217 -7.86 -14.13 -22.72
CA THR B 217 -8.08 -13.75 -24.10
C THR B 217 -7.52 -14.91 -24.92
N THR B 218 -8.47 -15.66 -25.48
CA THR B 218 -8.19 -16.81 -26.34
C THR B 218 -7.90 -16.33 -27.78
N ASP B 219 -8.14 -15.04 -28.04
CA ASP B 219 -7.73 -14.39 -29.28
C ASP B 219 -6.37 -13.68 -29.16
N PHE B 220 -5.96 -13.29 -27.94
CA PHE B 220 -4.66 -12.61 -27.71
C PHE B 220 -4.45 -11.30 -28.47
N ALA B 221 -5.51 -10.64 -28.93
CA ALA B 221 -5.36 -9.50 -29.86
C ALA B 221 -4.78 -8.27 -29.22
N GLU B 222 -4.81 -8.23 -27.88
CA GLU B 222 -4.17 -7.16 -27.09
C GLU B 222 -2.67 -7.30 -26.83
N PHE B 223 -2.09 -8.48 -27.10
CA PHE B 223 -0.64 -8.73 -26.97
C PHE B 223 0.14 -8.01 -28.08
N THR B 224 0.10 -6.68 -28.05
CA THR B 224 0.72 -5.84 -29.05
C THR B 224 1.96 -5.18 -28.46
N LEU B 225 2.91 -4.82 -29.31
CA LEU B 225 4.15 -4.20 -28.87
C LEU B 225 3.78 -2.89 -28.22
N SER B 226 2.75 -2.26 -28.76
CA SER B 226 2.32 -0.97 -28.36
C SER B 226 1.85 -0.97 -26.90
N ASN B 227 0.93 -1.89 -26.61
CA ASN B 227 0.41 -2.14 -25.29
C ASN B 227 1.44 -2.68 -24.35
N TYR B 228 2.45 -3.37 -24.85
CA TYR B 228 3.51 -3.88 -23.98
C TYR B 228 4.41 -2.73 -23.52
N LYS B 229 4.67 -1.80 -24.41
CA LYS B 229 5.50 -0.65 -24.10
C LYS B 229 4.86 0.22 -23.07
N ARG B 230 3.54 0.29 -23.11
CA ARG B 230 2.81 1.02 -22.08
C ARG B 230 2.87 0.28 -20.72
N ILE B 231 2.74 -1.03 -20.70
CA ILE B 231 2.80 -1.77 -19.44
C ILE B 231 4.08 -1.48 -18.68
N VAL B 232 5.15 -1.41 -19.46
CA VAL B 232 6.52 -1.48 -19.02
C VAL B 232 7.09 -0.09 -18.65
N LYS B 233 6.67 0.89 -19.42
CA LYS B 233 6.98 2.28 -19.10
C LYS B 233 6.51 2.55 -17.67
N TYR B 234 5.24 2.29 -17.41
CA TYR B 234 4.65 2.60 -16.10
C TYR B 234 5.00 1.66 -14.91
N LYS B 235 5.19 0.38 -15.12
CA LYS B 235 5.47 -0.54 -14.02
C LYS B 235 6.95 -0.66 -13.64
N THR B 236 7.84 -0.41 -14.59
CA THR B 236 9.28 -0.47 -14.31
C THR B 236 10.09 0.83 -14.46
N ALA B 237 9.87 1.53 -15.58
CA ALA B 237 10.84 2.53 -16.02
C ALA B 237 10.84 3.71 -15.06
N TYR B 238 9.70 4.04 -14.49
CA TYR B 238 9.62 5.30 -13.73
C TYR B 238 10.35 5.15 -12.42
N TYR B 239 10.03 4.10 -11.67
CA TYR B 239 10.69 3.92 -10.36
C TYR B 239 12.10 3.35 -10.45
N THR B 240 12.39 2.68 -11.55
CA THR B 240 13.65 2.01 -11.61
C THR B 240 14.73 2.86 -12.25
N TYR B 241 14.35 3.64 -13.29
CA TYR B 241 15.27 4.55 -13.98
C TYR B 241 15.08 6.10 -13.76
N LEU B 242 13.83 6.65 -13.76
CA LEU B 242 13.65 8.10 -13.58
C LEU B 242 13.87 8.54 -12.17
N LEU B 243 13.25 7.84 -11.21
CA LEU B 243 13.29 8.20 -9.79
C LEU B 243 14.67 8.28 -9.13
N PRO B 244 15.54 7.27 -9.30
CA PRO B 244 16.94 7.45 -8.81
C PRO B 244 17.66 8.67 -9.41
N LEU B 245 17.53 8.92 -10.71
CA LEU B 245 18.12 10.15 -11.27
C LEU B 245 17.52 11.40 -10.56
N VAL B 246 16.18 11.53 -10.60
CA VAL B 246 15.48 12.69 -10.06
C VAL B 246 15.77 12.92 -8.57
N MET B 247 15.83 11.86 -7.78
CA MET B 247 16.11 12.01 -6.35
C MET B 247 17.52 12.49 -6.09
N GLY B 248 18.46 11.95 -6.88
CA GLY B 248 19.87 12.32 -6.78
C GLY B 248 20.02 13.78 -7.11
N LEU B 249 19.39 14.21 -8.19
CA LEU B 249 19.38 15.62 -8.52
C LEU B 249 18.82 16.48 -7.36
N ILE B 250 17.69 16.08 -6.79
CA ILE B 250 17.02 16.89 -5.75
C ILE B 250 17.90 17.13 -4.56
N VAL B 251 18.53 16.07 -4.03
CA VAL B 251 19.35 16.19 -2.81
C VAL B 251 20.62 16.99 -3.00
N SER B 252 21.06 17.07 -4.24
CA SER B 252 22.25 17.84 -4.59
C SER B 252 21.81 19.19 -5.13
N GLU B 253 20.51 19.46 -5.16
CA GLU B 253 19.99 20.78 -5.55
C GLU B 253 20.44 21.24 -6.96
N ALA B 254 20.22 20.37 -7.95
CA ALA B 254 20.64 20.58 -9.33
C ALA B 254 19.54 20.13 -10.29
N LEU B 255 18.32 20.02 -9.79
CA LEU B 255 17.25 19.49 -10.58
C LEU B 255 17.11 20.27 -11.88
N PRO B 256 17.14 21.60 -11.79
CA PRO B 256 16.94 22.30 -13.05
C PRO B 256 18.23 22.48 -13.87
N THR B 257 19.38 21.94 -13.48
CA THR B 257 20.56 22.04 -14.37
C THR B 257 20.57 21.08 -15.56
N VAL B 258 19.43 20.43 -15.84
CA VAL B 258 19.41 19.24 -16.66
C VAL B 258 18.19 19.31 -17.57
N ASP B 259 18.37 18.99 -18.84
CA ASP B 259 17.26 18.91 -19.73
C ASP B 259 16.37 17.75 -19.29
N MET B 260 15.13 18.03 -18.88
CA MET B 260 14.33 17.02 -18.23
C MET B 260 13.74 16.10 -19.29
N GLY B 261 13.36 16.67 -20.42
CA GLY B 261 12.71 15.93 -21.50
C GLY B 261 13.57 14.80 -22.03
N VAL B 262 14.85 15.11 -22.13
CA VAL B 262 15.89 14.20 -22.60
C VAL B 262 16.24 13.20 -21.52
N THR B 263 16.42 13.68 -20.29
CA THR B 263 16.52 12.77 -19.14
C THR B 263 15.41 11.74 -19.07
N GLU B 264 14.18 12.16 -19.30
CA GLU B 264 13.04 11.24 -19.28
C GLU B 264 13.05 10.27 -20.45
N GLU B 265 13.41 10.76 -21.63
CA GLU B 265 13.51 9.90 -22.80
C GLU B 265 14.42 8.74 -22.47
N LEU B 266 15.52 9.08 -21.82
CA LEU B 266 16.56 8.15 -21.44
C LEU B 266 16.04 7.14 -20.48
N ALA B 267 15.41 7.63 -19.42
CA ALA B 267 14.93 6.74 -18.38
C ALA B 267 13.90 5.76 -18.95
N MET B 268 13.04 6.25 -19.87
CA MET B 268 11.97 5.45 -20.43
C MET B 268 12.57 4.39 -21.31
N LEU B 269 13.62 4.77 -21.98
CA LEU B 269 14.32 3.85 -22.93
C LEU B 269 15.12 2.79 -22.13
N MET B 270 15.91 3.23 -21.17
CA MET B 270 16.65 2.27 -20.33
C MET B 270 15.74 1.34 -19.56
N GLY B 271 14.60 1.87 -19.15
CA GLY B 271 13.63 1.12 -18.44
C GLY B 271 12.81 0.17 -19.29
N GLU B 272 12.57 0.49 -20.56
CA GLU B 272 11.93 -0.52 -21.40
C GLU B 272 12.87 -1.72 -21.57
N TYR B 273 14.11 -1.42 -21.97
CA TYR B 273 15.16 -2.42 -22.19
C TYR B 273 15.40 -3.35 -21.01
N PHE B 274 15.61 -2.78 -19.81
CA PHE B 274 15.64 -3.55 -18.55
C PHE B 274 14.48 -4.53 -18.48
N GLN B 275 13.28 -4.08 -18.76
CA GLN B 275 12.13 -4.96 -18.51
C GLN B 275 12.09 -6.04 -19.55
N VAL B 276 12.46 -5.64 -20.76
CA VAL B 276 12.64 -6.55 -21.86
C VAL B 276 13.66 -7.60 -21.50
N GLN B 277 14.77 -7.21 -20.87
CA GLN B 277 15.75 -8.16 -20.32
C GLN B 277 15.19 -9.08 -19.29
N ASP B 278 14.48 -8.52 -18.31
CA ASP B 278 13.73 -9.33 -17.31
C ASP B 278 12.85 -10.38 -17.99
N ASP B 279 12.03 -9.96 -18.95
CA ASP B 279 11.21 -10.89 -19.72
C ASP B 279 12.08 -11.97 -20.42
N VAL B 280 13.15 -11.57 -21.08
CA VAL B 280 13.91 -12.56 -21.83
C VAL B 280 14.52 -13.57 -20.87
N MET B 281 15.12 -13.06 -19.79
CA MET B 281 15.80 -13.90 -18.82
C MET B 281 14.80 -14.85 -18.17
N ASP B 282 13.59 -14.37 -17.96
CA ASP B 282 12.53 -15.15 -17.36
C ASP B 282 12.28 -16.50 -18.08
N CYS B 283 12.53 -16.53 -19.40
CA CYS B 283 12.34 -17.69 -20.28
C CYS B 283 13.65 -18.43 -20.52
N PHE B 284 14.77 -17.74 -20.66
CA PHE B 284 15.93 -18.43 -21.20
C PHE B 284 17.06 -18.55 -20.22
N THR B 285 16.93 -17.90 -19.07
CA THR B 285 18.01 -17.85 -18.09
C THR B 285 17.71 -18.93 -17.08
N PRO B 286 18.70 -19.84 -16.84
CA PRO B 286 18.50 -21.00 -15.96
C PRO B 286 18.25 -20.55 -14.55
N PRO B 287 17.30 -21.21 -13.86
CA PRO B 287 16.93 -20.86 -12.49
C PRO B 287 18.10 -20.49 -11.56
N GLU B 288 19.21 -21.23 -11.64
CA GLU B 288 20.37 -21.04 -10.76
C GLU B 288 21.01 -19.66 -10.93
N ARG B 289 20.87 -19.07 -12.10
CA ARG B 289 21.35 -17.72 -12.33
C ARG B 289 20.22 -16.69 -12.16
N LEU B 290 18.98 -17.11 -12.44
CA LEU B 290 17.82 -16.23 -12.36
C LEU B 290 17.30 -16.06 -10.92
N GLY B 291 17.67 -16.98 -10.02
CA GLY B 291 17.18 -16.96 -8.66
C GLY B 291 15.77 -17.50 -8.50
N LYS B 292 15.21 -18.02 -9.60
CA LYS B 292 13.86 -18.62 -9.62
C LYS B 292 13.61 -19.47 -10.87
N VAL B 293 12.77 -20.51 -10.71
CA VAL B 293 12.33 -21.26 -11.89
C VAL B 293 11.29 -20.33 -12.55
N GLY B 294 11.68 -19.78 -13.71
CA GLY B 294 10.90 -18.73 -14.39
C GLY B 294 9.55 -19.23 -14.87
N THR B 295 8.54 -18.36 -14.80
CA THR B 295 7.15 -18.78 -15.07
C THR B 295 6.24 -17.99 -16.06
N ASP B 296 6.64 -16.79 -16.52
CA ASP B 296 5.75 -15.91 -17.37
C ASP B 296 4.91 -16.64 -18.49
N ILE B 297 5.51 -17.69 -19.05
CA ILE B 297 4.81 -18.50 -20.02
C ILE B 297 3.62 -19.14 -19.34
N GLN B 298 3.93 -20.00 -18.35
CA GLN B 298 2.98 -20.59 -17.39
C GLN B 298 1.87 -19.59 -17.01
N ASP B 299 2.32 -18.39 -16.66
CA ASP B 299 1.43 -17.36 -16.14
C ASP B 299 0.60 -16.72 -17.23
N ALA B 300 0.83 -17.14 -18.48
CA ALA B 300 0.17 -16.54 -19.66
C ALA B 300 0.51 -15.06 -19.78
N LYS B 301 1.73 -14.71 -19.38
CA LYS B 301 2.09 -13.31 -19.26
C LYS B 301 2.28 -12.64 -20.61
N CYS B 302 1.83 -11.39 -20.69
CA CYS B 302 2.06 -10.54 -21.87
C CYS B 302 3.51 -10.03 -21.95
N SER B 303 4.47 -10.94 -22.19
CA SER B 303 5.87 -10.57 -22.25
C SER B 303 6.31 -10.02 -23.63
N TRP B 304 7.52 -9.46 -23.70
CA TRP B 304 8.15 -9.04 -24.96
C TRP B 304 8.36 -10.24 -25.91
N LEU B 305 8.55 -11.43 -25.34
CA LEU B 305 8.65 -12.62 -26.17
C LEU B 305 7.27 -12.95 -26.77
N ALA B 306 6.23 -13.07 -25.95
CA ALA B 306 4.88 -13.21 -26.45
C ALA B 306 4.63 -12.26 -27.55
N VAL B 307 4.82 -10.96 -27.32
CA VAL B 307 4.29 -10.02 -28.30
C VAL B 307 5.10 -9.93 -29.59
N THR B 308 6.41 -10.03 -29.47
CA THR B 308 7.27 -9.98 -30.63
C THR B 308 7.00 -11.24 -31.51
N PHE B 309 6.87 -12.39 -30.86
CA PHE B 309 6.47 -13.63 -31.50
C PHE B 309 5.18 -13.51 -32.21
N LEU B 310 4.16 -12.98 -31.54
CA LEU B 310 2.85 -12.93 -32.15
C LEU B 310 2.84 -12.01 -33.41
N ALA B 311 3.77 -11.08 -33.56
CA ALA B 311 3.59 -10.06 -34.62
C ALA B 311 4.26 -10.56 -35.89
N LYS B 312 5.43 -11.17 -35.76
CA LYS B 312 6.10 -11.83 -36.89
C LYS B 312 5.56 -13.22 -37.33
N ALA B 313 4.74 -13.86 -36.49
CA ALA B 313 4.44 -15.30 -36.60
C ALA B 313 3.44 -15.68 -37.65
N SER B 314 3.66 -16.84 -38.28
CA SER B 314 2.70 -17.35 -39.23
C SER B 314 1.42 -17.85 -38.55
N SER B 315 0.40 -18.12 -39.36
CA SER B 315 -0.83 -18.68 -38.88
C SER B 315 -0.57 -20.03 -38.21
N ALA B 316 0.32 -20.87 -38.77
CA ALA B 316 0.55 -22.21 -38.17
C ALA B 316 1.17 -22.01 -36.79
N GLN B 317 2.21 -21.18 -36.73
CA GLN B 317 2.86 -20.81 -35.47
C GLN B 317 1.95 -20.20 -34.43
N VAL B 318 1.08 -19.31 -34.86
CA VAL B 318 0.19 -18.67 -33.92
C VAL B 318 -0.79 -19.63 -33.28
N ALA B 319 -1.36 -20.56 -34.04
CA ALA B 319 -2.35 -21.49 -33.45
C ALA B 319 -1.70 -22.39 -32.39
N GLU B 320 -0.53 -22.92 -32.73
CA GLU B 320 0.23 -23.79 -31.85
C GLU B 320 0.52 -23.04 -30.54
N PHE B 321 1.00 -21.81 -30.68
CA PHE B 321 1.29 -21.00 -29.52
C PHE B 321 0.04 -20.83 -28.64
N LYS B 322 -1.08 -20.48 -29.29
CA LYS B 322 -2.33 -20.32 -28.55
C LYS B 322 -2.67 -21.62 -27.81
N ALA B 323 -2.42 -22.76 -28.47
CA ALA B 323 -2.66 -24.06 -27.86
C ALA B 323 -1.75 -24.38 -26.65
N ASN B 324 -0.71 -23.60 -26.42
CA ASN B 324 0.32 -23.98 -25.46
C ASN B 324 0.73 -22.95 -24.41
N TYR B 325 0.34 -21.70 -24.61
CA TYR B 325 0.67 -20.64 -23.68
C TYR B 325 -0.25 -20.76 -22.48
N GLY B 326 0.28 -20.52 -21.28
CA GLY B 326 -0.56 -20.32 -20.08
C GLY B 326 -0.97 -21.61 -19.39
N SER B 327 0.02 -22.48 -19.18
CA SER B 327 -0.22 -23.86 -18.75
C SER B 327 1.05 -24.45 -18.11
N GLY B 328 0.90 -24.96 -16.88
CA GLY B 328 1.98 -25.64 -16.17
C GLY B 328 2.58 -26.86 -16.85
N ASP B 329 1.81 -27.59 -17.66
CA ASP B 329 2.35 -28.78 -18.31
C ASP B 329 3.75 -28.50 -18.88
N SER B 330 4.72 -29.32 -18.50
CA SER B 330 6.12 -29.12 -18.84
C SER B 330 6.41 -29.16 -20.34
N GLU B 331 5.61 -29.95 -21.05
CA GLU B 331 5.76 -30.09 -22.49
C GLU B 331 5.06 -28.96 -23.28
N LYS B 332 3.95 -28.45 -22.74
CA LYS B 332 3.24 -27.33 -23.35
C LYS B 332 4.04 -26.00 -23.23
N VAL B 333 4.71 -25.79 -22.09
CA VAL B 333 5.61 -24.63 -21.90
C VAL B 333 6.94 -24.79 -22.64
N ALA B 334 7.38 -26.03 -22.84
CA ALA B 334 8.55 -26.29 -23.69
C ALA B 334 8.22 -26.21 -25.17
N THR B 335 6.92 -26.25 -25.52
CA THR B 335 6.53 -26.08 -26.91
C THR B 335 6.74 -24.61 -27.25
N VAL B 336 6.12 -23.74 -26.46
CA VAL B 336 6.31 -22.29 -26.54
C VAL B 336 7.81 -21.92 -26.65
N ARG B 337 8.68 -22.65 -25.95
CA ARG B 337 10.10 -22.34 -25.94
C ARG B 337 10.73 -22.72 -27.27
N ARG B 338 10.32 -23.86 -27.79
CA ARG B 338 10.77 -24.28 -29.11
C ARG B 338 10.31 -23.25 -30.14
N LEU B 339 9.05 -22.81 -30.02
CA LEU B 339 8.49 -21.79 -30.95
C LEU B 339 9.23 -20.45 -30.91
N TYR B 340 9.49 -19.97 -29.71
CA TYR B 340 10.26 -18.78 -29.51
C TYR B 340 11.64 -18.94 -30.18
N GLU B 341 12.25 -20.11 -30.02
CA GLU B 341 13.52 -20.38 -30.69
C GLU B 341 13.38 -20.49 -32.20
N GLU B 342 12.39 -21.25 -32.66
CA GLU B 342 12.11 -21.47 -34.08
C GLU B 342 12.05 -20.13 -34.80
N ALA B 343 11.39 -19.17 -34.14
CA ALA B 343 11.11 -17.86 -34.73
C ALA B 343 12.24 -16.85 -34.53
N ASP B 344 13.34 -17.24 -33.91
CA ASP B 344 14.54 -16.40 -33.83
C ASP B 344 14.35 -15.16 -32.90
N LEU B 345 13.57 -15.33 -31.85
CA LEU B 345 13.37 -14.26 -30.91
C LEU B 345 14.68 -13.80 -30.27
N GLN B 346 15.62 -14.72 -30.11
CA GLN B 346 16.94 -14.42 -29.55
C GLN B 346 17.66 -13.39 -30.44
N GLY B 347 17.54 -13.53 -31.75
CA GLY B 347 18.17 -12.62 -32.71
C GLY B 347 17.45 -11.29 -32.84
N ASP B 348 16.14 -11.32 -32.64
CA ASP B 348 15.35 -10.10 -32.59
C ASP B 348 15.80 -9.23 -31.41
N TYR B 349 16.15 -9.91 -30.31
CA TYR B 349 16.60 -9.26 -29.09
C TYR B 349 17.95 -8.58 -29.25
N VAL B 350 18.89 -9.30 -29.83
CA VAL B 350 20.15 -8.71 -30.24
C VAL B 350 19.90 -7.46 -31.09
N ALA B 351 18.96 -7.52 -32.01
CA ALA B 351 18.62 -6.34 -32.85
C ALA B 351 17.98 -5.20 -32.03
N TYR B 352 17.02 -5.51 -31.17
CA TYR B 352 16.43 -4.50 -30.27
C TYR B 352 17.52 -3.79 -29.44
N GLU B 353 18.38 -4.58 -28.77
CA GLU B 353 19.42 -4.12 -27.82
C GLU B 353 20.41 -3.17 -28.48
N ALA B 354 20.67 -3.44 -29.75
CA ALA B 354 21.52 -2.61 -30.55
C ALA B 354 20.85 -1.29 -30.87
N ALA B 355 19.55 -1.31 -31.17
CA ALA B 355 18.89 -0.04 -31.45
C ALA B 355 18.91 0.81 -30.16
N VAL B 356 18.37 0.26 -29.07
CA VAL B 356 18.40 0.92 -27.78
C VAL B 356 19.76 1.56 -27.51
N ALA B 357 20.86 0.82 -27.71
CA ALA B 357 22.22 1.30 -27.30
C ALA B 357 22.67 2.55 -28.02
N GLU B 358 22.25 2.66 -29.27
CA GLU B 358 22.57 3.78 -30.11
C GLU B 358 21.66 4.93 -29.73
N GLN B 359 20.36 4.65 -29.55
CA GLN B 359 19.41 5.69 -29.08
C GLN B 359 19.90 6.27 -27.75
N VAL B 360 20.36 5.38 -26.86
CA VAL B 360 20.93 5.77 -25.57
C VAL B 360 22.21 6.58 -25.74
N LYS B 361 23.14 6.17 -26.61
CA LYS B 361 24.39 6.93 -26.83
C LYS B 361 24.12 8.37 -27.26
N GLU B 362 23.21 8.52 -28.22
CA GLU B 362 22.88 9.83 -28.80
C GLU B 362 22.25 10.74 -27.74
N LEU B 363 21.17 10.30 -27.10
CA LEU B 363 20.64 11.04 -25.97
C LEU B 363 21.68 11.46 -24.88
N ILE B 364 22.56 10.55 -24.42
CA ILE B 364 23.59 10.89 -23.37
C ILE B 364 24.53 12.07 -23.76
N GLU B 365 24.91 12.10 -25.03
CA GLU B 365 25.75 13.17 -25.58
C GLU B 365 25.03 14.54 -25.62
N LYS B 366 23.73 14.54 -25.94
CA LYS B 366 22.87 15.76 -25.84
C LYS B 366 22.81 16.26 -24.41
N LEU B 367 22.84 15.32 -23.46
CA LEU B 367 22.93 15.64 -22.06
C LEU B 367 24.26 16.22 -21.69
N ARG B 368 25.33 15.64 -22.26
CA ARG B 368 26.70 15.98 -21.89
C ARG B 368 27.04 17.43 -22.19
N LEU B 369 26.35 18.03 -23.17
CA LEU B 369 26.59 19.40 -23.63
C LEU B 369 26.55 20.36 -22.47
N CYS B 370 25.46 20.32 -21.70
CA CYS B 370 25.28 21.22 -20.58
C CYS B 370 25.35 20.53 -19.21
N SER B 371 25.31 19.20 -19.19
CA SER B 371 25.35 18.43 -17.92
C SER B 371 26.40 17.30 -17.92
N PRO B 372 27.70 17.65 -18.01
CA PRO B 372 28.73 16.63 -18.16
C PRO B 372 28.83 15.68 -16.96
N GLY B 373 28.58 16.19 -15.77
CA GLY B 373 28.63 15.36 -14.56
C GLY B 373 27.46 14.38 -14.51
N PHE B 374 26.28 14.84 -14.94
CA PHE B 374 25.08 14.02 -14.92
C PHE B 374 25.12 12.92 -16.01
N ALA B 375 25.43 13.33 -17.24
CA ALA B 375 25.58 12.39 -18.36
C ALA B 375 26.46 11.27 -17.93
N ALA B 376 27.54 11.60 -17.25
CA ALA B 376 28.43 10.53 -16.81
C ALA B 376 27.78 9.59 -15.77
N SER B 377 26.87 10.08 -14.92
CA SER B 377 26.25 9.19 -13.91
C SER B 377 25.19 8.34 -14.59
N VAL B 378 24.56 8.86 -15.63
CA VAL B 378 23.63 8.09 -16.48
C VAL B 378 24.39 6.96 -17.25
N GLU B 379 25.49 7.32 -17.89
CA GLU B 379 26.48 6.34 -18.42
C GLU B 379 26.73 5.19 -17.47
N THR B 380 27.06 5.56 -16.26
CA THR B 380 27.34 4.60 -15.20
C THR B 380 26.11 3.73 -14.89
N LEU B 381 24.92 4.30 -15.01
CA LEU B 381 23.68 3.52 -14.84
C LEU B 381 23.39 2.59 -16.00
N TRP B 382 23.65 3.11 -17.21
CA TRP B 382 23.56 2.32 -18.43
C TRP B 382 24.52 1.14 -18.33
N GLY B 383 25.76 1.36 -17.94
CA GLY B 383 26.71 0.26 -17.66
C GLY B 383 26.17 -0.85 -16.75
N LYS B 384 25.34 -0.52 -15.79
CA LYS B 384 24.84 -1.57 -14.89
C LYS B 384 23.66 -2.30 -15.50
N THR B 385 23.25 -1.85 -16.67
CA THR B 385 21.99 -2.30 -17.28
C THR B 385 22.36 -3.09 -18.55
N TYR B 386 23.03 -2.44 -19.49
CA TYR B 386 23.43 -2.98 -20.82
C TYR B 386 24.23 -4.26 -20.78
N LYS B 387 23.65 -5.32 -21.34
CA LYS B 387 24.12 -6.69 -21.21
C LYS B 387 24.32 -7.16 -19.79
N ARG B 388 23.50 -6.69 -18.85
CA ARG B 388 23.60 -7.13 -17.44
C ARG B 388 23.59 -8.65 -17.36
N GLN B 389 24.40 -9.18 -16.42
CA GLN B 389 24.37 -10.60 -16.08
C GLN B 389 23.12 -10.80 -15.28
N LYS B 390 22.87 -9.81 -14.40
CA LYS B 390 22.05 -9.87 -13.20
C LYS B 390 22.15 -11.22 -12.49
O5 3YQ C . -13.45 -6.30 8.54
P1 3YQ C . -14.16 -5.25 9.36
O6 3YQ C . -14.91 -5.70 10.60
O2 3YQ C . -14.53 -3.98 8.77
C6 3YQ C . -12.73 -4.54 10.35
P2 3YQ C . -11.76 -5.83 11.27
O3 3YQ C . -12.78 -6.43 12.10
O1 3YQ C . -10.79 -5.07 12.07
O4 3YQ C . -11.28 -6.76 10.12
N1 3YQ C . -11.87 -3.95 9.41
C1 3YQ C . -11.02 -2.96 9.74
N2 3YQ C . -10.69 -2.70 11.02
C5 3YQ C . -9.77 -1.72 11.35
C4 3YQ C . -9.20 -0.98 10.35
C3 3YQ C . -9.54 -1.24 9.04
C2 3YQ C . -10.44 -2.23 8.69
C7 3YQ C . -10.74 -2.42 7.30
MG MG D . -12.34 -7.82 7.63
MG MG E . -14.96 -6.57 12.82
MG MG F . -8.96 -7.23 9.96
O5 3YQ G . 9.94 -10.47 -12.54
P1 3YQ G . 9.51 -9.92 -11.23
O6 3YQ G . 10.56 -9.20 -10.56
O2 3YQ G . 8.34 -10.48 -10.53
C6 3YQ G . 8.73 -8.33 -11.92
P2 3YQ G . 7.32 -8.74 -13.01
O3 3YQ G . 6.93 -7.45 -13.49
O1 3YQ G . 7.98 -9.59 -14.02
O4 3YQ G . 6.37 -9.55 -12.08
N1 3YQ G . 8.29 -7.52 -10.83
C1 3YQ G . 8.09 -6.21 -10.86
N2 3YQ G . 7.91 -5.55 -12.00
C5 3YQ G . 7.63 -4.18 -11.99
C4 3YQ G . 7.57 -3.49 -10.79
C3 3YQ G . 7.79 -4.17 -9.61
C2 3YQ G . 8.03 -5.54 -9.62
C7 3YQ G . 8.23 -6.21 -8.38
MG MG H . 6.42 -11.28 -10.18
MG MG I . 9.18 -11.27 -14.62
MG MG J . 4.42 -8.47 -12.14
#